data_3QJ7
#
_entry.id   3QJ7
#
_cell.length_a   184.956
_cell.length_b   84.850
_cell.length_c   130.065
_cell.angle_alpha   90.000
_cell.angle_beta   131.210
_cell.angle_gamma   90.000
#
_symmetry.space_group_name_H-M   'C 1 2 1'
#
loop_
_entity.id
_entity.type
_entity.pdbx_description
1 polymer 'Thymidylate synthase'
2 non-polymer "2'-DEOXYURIDINE 5'-MONOPHOSPHATE"
3 non-polymer SPERMINE
4 water water
#
_entity_poly.entity_id   1
_entity_poly.type   'polypeptide(L)'
_entity_poly.pdbx_seq_one_letter_code
;SMTPYEDLLRFVLETGTPKSDRTGTGTRSLFGQQMRYDLSAGFPLLTTKKVHFKSVAYELLWFLRGDSNIGWLHEHGVTI
WDEWASDTGELGPIYGVQWRSWPAPSGEHIDQISAALDLLRTDPDSRRIIVSAWNVGEIERMALPPCHAFFQFYVADGRL
SCQLYQRSADLFLGVPFNIASYALLTHMMAAQAGLSVGEFIWTGGDCHIYDNHVEQVRLQLSREPRPYPKLLLADRDSIF
EYTYEDIVVKNYDPHPAIKAPVAV
;
_entity_poly.pdbx_strand_id   A,B,C,D
#
# COMPACT_ATOMS: atom_id res chain seq x y z
N MET A 2 21.64 16.45 -0.77
CA MET A 2 21.60 16.57 0.70
C MET A 2 21.26 17.99 1.20
N THR A 3 21.43 19.01 0.36
CA THR A 3 20.96 20.35 0.73
C THR A 3 20.37 21.11 -0.46
N PRO A 4 19.43 20.48 -1.18
CA PRO A 4 18.85 21.09 -2.39
C PRO A 4 18.27 22.49 -2.12
N TYR A 5 17.58 22.65 -0.99
CA TYR A 5 17.04 23.95 -0.65
C TYR A 5 18.12 24.99 -0.42
N GLU A 6 19.13 24.64 0.37
CA GLU A 6 20.18 25.58 0.72
C GLU A 6 21.02 25.93 -0.50
N ASP A 7 21.30 24.94 -1.35
CA ASP A 7 21.98 25.19 -2.60
C ASP A 7 21.21 26.22 -3.43
N LEU A 8 19.91 26.00 -3.57
CA LEU A 8 19.06 26.95 -4.30
C LEU A 8 19.08 28.33 -3.63
N LEU A 9 18.93 28.35 -2.31
CA LEU A 9 18.94 29.60 -1.56
C LEU A 9 20.25 30.35 -1.78
N ARG A 10 21.37 29.63 -1.72
CA ARG A 10 22.67 30.26 -1.96
C ARG A 10 22.78 30.78 -3.40
N PHE A 11 22.41 29.96 -4.37
CA PHE A 11 22.47 30.35 -5.78
C PHE A 11 21.74 31.67 -6.05
N VAL A 12 20.51 31.79 -5.56
CA VAL A 12 19.74 33.01 -5.72
C VAL A 12 20.39 34.19 -4.98
N LEU A 13 20.92 33.94 -3.79
CA LEU A 13 21.61 34.98 -3.01
C LEU A 13 22.79 35.57 -3.79
N GLU A 14 23.58 34.70 -4.40
CA GLU A 14 24.81 35.10 -5.07
C GLU A 14 24.59 35.58 -6.50
N THR A 15 23.49 35.14 -7.11
CA THR A 15 23.32 35.22 -8.56
C THR A 15 22.03 35.92 -8.98
N GLY A 16 21.07 35.97 -8.06
CA GLY A 16 19.81 36.65 -8.32
C GLY A 16 19.95 38.03 -8.92
N THR A 17 18.94 38.43 -9.69
CA THR A 17 18.94 39.73 -10.30
C THR A 17 18.02 40.64 -9.49
N PRO A 18 18.48 41.86 -9.19
CA PRO A 18 17.64 42.81 -8.44
C PRO A 18 16.32 43.00 -9.17
N LYS A 19 15.21 43.00 -8.45
CA LYS A 19 13.90 43.12 -9.07
C LYS A 19 12.85 43.66 -8.11
N SER A 20 12.22 44.77 -8.49
CA SER A 20 11.17 45.39 -7.68
C SER A 20 9.97 44.45 -7.57
N ASP A 21 9.19 44.61 -6.51
CA ASP A 21 8.12 43.66 -6.22
C ASP A 21 6.80 44.32 -5.83
N ARG A 22 5.73 43.57 -5.97
CA ARG A 22 4.38 44.02 -5.65
C ARG A 22 4.31 44.66 -4.26
N THR A 23 5.02 44.07 -3.30
CA THR A 23 4.94 44.46 -1.89
C THR A 23 5.78 45.69 -1.54
N GLY A 24 6.58 46.15 -2.51
CA GLY A 24 7.41 47.33 -2.30
C GLY A 24 8.78 47.00 -1.74
N THR A 25 8.92 45.79 -1.21
CA THR A 25 10.22 45.31 -0.79
C THR A 25 10.96 44.92 -2.06
N GLY A 26 12.27 45.14 -2.10
CA GLY A 26 13.02 44.69 -3.25
C GLY A 26 13.29 43.21 -3.11
N THR A 27 13.67 42.57 -4.20
CA THR A 27 14.05 41.16 -4.16
C THR A 27 15.30 40.93 -5.02
N ARG A 28 16.01 39.84 -4.74
CA ARG A 28 16.93 39.27 -5.72
C ARG A 28 16.18 38.08 -6.26
N SER A 29 16.14 37.89 -7.58
CA SER A 29 15.41 36.73 -8.08
C SER A 29 16.01 36.03 -9.28
N LEU A 30 15.70 34.74 -9.39
CA LEU A 30 15.98 33.94 -10.56
C LEU A 30 14.66 33.34 -11.04
N PHE A 31 14.63 32.90 -12.30
CA PHE A 31 13.42 32.31 -12.88
C PHE A 31 13.69 30.90 -13.36
N GLY A 32 12.76 30.00 -13.07
CA GLY A 32 12.83 28.64 -13.54
C GLY A 32 13.80 27.74 -12.79
N GLN A 33 13.76 27.75 -11.46
CA GLN A 33 14.73 26.94 -10.73
C GLN A 33 14.11 25.65 -10.17
N GLN A 34 14.97 24.67 -9.89
CA GLN A 34 14.48 23.36 -9.54
C GLN A 34 15.25 22.77 -8.36
N MET A 35 14.51 22.21 -7.40
CA MET A 35 15.07 21.43 -6.30
C MET A 35 14.55 19.99 -6.39
N ARG A 36 15.40 19.04 -6.05
CA ARG A 36 15.03 17.63 -6.13
C ARG A 36 15.39 16.92 -4.81
N TYR A 37 14.41 16.23 -4.20
CA TYR A 37 14.62 15.45 -2.95
C TYR A 37 14.27 13.98 -3.14
N ASP A 38 15.14 13.09 -2.65
CA ASP A 38 14.81 11.66 -2.59
C ASP A 38 14.12 11.44 -1.26
N LEU A 39 12.82 11.21 -1.30
CA LEU A 39 12.07 11.16 -0.06
C LEU A 39 12.47 9.92 0.75
N SER A 40 12.97 8.90 0.06
CA SER A 40 13.41 7.68 0.73
C SER A 40 14.61 7.94 1.65
N ALA A 41 15.32 9.04 1.43
CA ALA A 41 16.51 9.32 2.22
C ALA A 41 16.22 10.15 3.46
N GLY A 42 15.03 10.73 3.52
CA GLY A 42 14.67 11.54 4.67
C GLY A 42 13.61 12.56 4.33
N PHE A 43 12.88 12.98 5.35
CA PHE A 43 11.77 13.90 5.17
C PHE A 43 12.30 15.34 5.18
N PRO A 44 12.05 16.09 4.10
CA PRO A 44 12.70 17.40 3.98
C PRO A 44 12.06 18.53 4.79
N LEU A 45 11.81 18.32 6.07
CA LEU A 45 11.58 19.45 6.96
C LEU A 45 12.98 20.00 7.29
N LEU A 46 13.20 21.30 7.10
CA LEU A 46 14.56 21.84 7.19
C LEU A 46 15.20 21.69 8.57
N THR A 47 16.51 21.41 8.60
CA THR A 47 17.23 21.39 9.87
C THR A 47 18.14 22.61 10.05
N THR A 48 18.36 23.39 9.00
CA THR A 48 19.24 24.55 9.17
C THR A 48 18.47 25.70 9.80
N LYS A 49 17.17 25.51 9.96
CA LYS A 49 16.35 26.41 10.75
C LYS A 49 15.11 25.62 11.12
N LYS A 50 14.54 25.90 12.29
CA LYS A 50 13.41 25.12 12.76
C LYS A 50 12.15 25.55 12.04
N VAL A 51 11.46 24.58 11.42
CA VAL A 51 10.18 24.85 10.76
C VAL A 51 8.98 24.29 11.53
N HIS A 52 7.97 25.12 11.73
CA HIS A 52 6.77 24.72 12.47
C HIS A 52 5.88 23.75 11.68
N PHE A 53 5.99 22.46 11.96
CA PHE A 53 5.31 21.44 11.20
C PHE A 53 3.79 21.43 11.39
N LYS A 54 3.33 21.86 12.55
CA LYS A 54 1.91 21.86 12.85
C LYS A 54 1.11 22.68 11.83
N SER A 55 1.61 23.88 11.54
CA SER A 55 1.01 24.76 10.56
C SER A 55 0.94 24.02 9.23
N VAL A 56 2.03 23.34 8.89
CA VAL A 56 2.11 22.64 7.63
C VAL A 56 1.08 21.51 7.54
N ALA A 57 1.11 20.61 8.51
CA ALA A 57 0.23 19.45 8.48
C ALA A 57 -1.26 19.84 8.52
N TYR A 58 -1.63 20.77 9.39
CA TYR A 58 -3.03 21.17 9.47
C TYR A 58 -3.52 21.86 8.20
N GLU A 59 -2.68 22.72 7.62
CA GLU A 59 -3.08 23.36 6.38
C GLU A 59 -3.34 22.31 5.29
N LEU A 60 -2.50 21.28 5.22
CA LEU A 60 -2.66 20.24 4.23
C LEU A 60 -3.97 19.46 4.44
N LEU A 61 -4.25 19.09 5.68
CA LEU A 61 -5.46 18.36 6.01
C LEU A 61 -6.67 19.20 5.63
N TRP A 62 -6.56 20.49 5.89
CA TRP A 62 -7.59 21.48 5.54
C TRP A 62 -7.84 21.52 4.02
N PHE A 63 -6.76 21.58 3.24
CA PHE A 63 -6.85 21.47 1.79
C PHE A 63 -7.59 20.21 1.38
N LEU A 64 -7.29 19.09 2.03
CA LEU A 64 -7.86 17.81 1.58
C LEU A 64 -9.34 17.70 1.90
N ARG A 65 -9.82 18.56 2.79
CA ARG A 65 -11.24 18.68 3.07
C ARG A 65 -12.00 19.40 1.97
N GLY A 66 -11.29 20.23 1.20
CA GLY A 66 -11.94 20.98 0.14
C GLY A 66 -12.60 22.20 0.73
N ASP A 67 -11.94 22.76 1.73
CA ASP A 67 -12.56 23.69 2.65
C ASP A 67 -12.17 25.11 2.27
N SER A 68 -13.16 26.00 2.15
CA SER A 68 -12.90 27.39 1.79
C SER A 68 -13.00 28.31 3.00
N ASN A 69 -13.32 27.73 4.15
CA ASN A 69 -13.50 28.51 5.35
C ASN A 69 -12.37 28.27 6.36
N ILE A 70 -11.93 29.33 7.03
CA ILE A 70 -10.87 29.16 8.03
C ILE A 70 -11.31 28.44 9.30
N GLY A 71 -12.61 28.22 9.45
CA GLY A 71 -13.15 27.69 10.70
C GLY A 71 -12.42 26.48 11.24
N TRP A 72 -12.29 25.47 10.41
CA TRP A 72 -11.69 24.21 10.83
C TRP A 72 -10.23 24.42 11.26
N LEU A 73 -9.50 25.29 10.57
CA LEU A 73 -8.16 25.67 10.94
C LEU A 73 -8.14 26.30 12.33
N HIS A 74 -9.11 27.16 12.59
CA HIS A 74 -9.21 27.82 13.89
C HIS A 74 -9.50 26.87 15.05
N GLU A 75 -10.37 25.90 14.82
CA GLU A 75 -10.62 24.86 15.79
C GLU A 75 -9.30 24.25 16.26
N HIS A 76 -8.24 24.43 15.46
CA HIS A 76 -6.97 23.77 15.76
C HIS A 76 -5.82 24.76 15.99
N GLY A 77 -6.14 26.02 16.28
CA GLY A 77 -5.14 27.01 16.64
C GLY A 77 -4.26 27.50 15.50
N VAL A 78 -4.61 27.17 14.26
CA VAL A 78 -3.86 27.62 13.10
C VAL A 78 -4.46 28.92 12.54
N THR A 79 -3.64 29.96 12.44
CA THR A 79 -4.16 31.29 12.11
C THR A 79 -3.51 31.87 10.86
N ILE A 80 -2.72 31.04 10.19
CA ILE A 80 -1.93 31.47 9.04
C ILE A 80 -2.79 32.02 7.89
N TRP A 81 -4.07 31.68 7.86
CA TRP A 81 -4.94 32.17 6.80
C TRP A 81 -5.89 33.29 7.20
N ASP A 82 -5.91 33.65 8.47
CA ASP A 82 -6.85 34.66 8.99
C ASP A 82 -6.85 36.00 8.25
N GLU A 83 -5.65 36.52 8.02
CA GLU A 83 -5.46 37.83 7.41
C GLU A 83 -6.35 38.06 6.17
N TRP A 84 -6.63 37.00 5.42
CA TRP A 84 -7.27 37.14 4.12
C TRP A 84 -8.76 36.81 4.14
N ALA A 85 -9.24 36.24 5.24
CA ALA A 85 -10.60 35.73 5.31
C ALA A 85 -11.64 36.85 5.40
N SER A 86 -12.88 36.51 5.04
CA SER A 86 -13.99 37.44 5.19
C SER A 86 -14.54 37.38 6.63
N ASP A 87 -15.53 38.23 6.91
CA ASP A 87 -16.13 38.27 8.24
C ASP A 87 -16.87 36.97 8.54
N THR A 88 -17.11 36.17 7.50
CA THR A 88 -17.72 34.86 7.68
C THR A 88 -16.63 33.80 7.82
N GLY A 89 -15.39 34.20 7.57
CA GLY A 89 -14.27 33.27 7.55
C GLY A 89 -13.93 32.70 6.18
N GLU A 90 -14.60 33.21 5.13
CA GLU A 90 -14.46 32.65 3.78
C GLU A 90 -13.26 33.20 3.01
N LEU A 91 -12.72 32.37 2.12
CA LEU A 91 -11.56 32.77 1.31
C LEU A 91 -11.77 32.69 -0.21
N GLY A 92 -12.94 32.23 -0.65
CA GLY A 92 -13.16 31.97 -2.06
C GLY A 92 -12.71 30.55 -2.38
N PRO A 93 -12.83 30.13 -3.63
CA PRO A 93 -12.53 28.74 -3.96
C PRO A 93 -11.02 28.46 -4.13
N ILE A 94 -10.28 28.60 -3.04
CA ILE A 94 -8.82 28.44 -3.07
C ILE A 94 -8.42 26.97 -3.13
N TYR A 95 -7.10 26.74 -3.09
CA TYR A 95 -6.48 25.42 -3.23
C TYR A 95 -7.39 24.20 -3.08
N GLY A 96 -7.70 23.83 -1.83
CA GLY A 96 -8.48 22.65 -1.55
C GLY A 96 -9.79 22.55 -2.32
N VAL A 97 -10.48 23.68 -2.46
CA VAL A 97 -11.71 23.71 -3.23
C VAL A 97 -11.49 23.25 -4.68
N GLN A 98 -10.39 23.69 -5.29
CA GLN A 98 -10.04 23.20 -6.62
C GLN A 98 -9.56 21.73 -6.59
N TRP A 99 -8.84 21.33 -5.55
CA TRP A 99 -8.37 19.95 -5.42
C TRP A 99 -9.52 18.95 -5.39
N ARG A 100 -10.58 19.29 -4.65
CA ARG A 100 -11.65 18.34 -4.37
C ARG A 100 -12.90 18.63 -5.19
N SER A 101 -12.99 19.81 -5.77
CA SER A 101 -14.28 20.33 -6.22
C SER A 101 -14.16 21.29 -7.41
N TRP A 102 -13.35 20.93 -8.38
CA TRP A 102 -13.20 21.78 -9.55
C TRP A 102 -14.54 21.75 -10.27
N PRO A 103 -15.19 22.93 -10.39
CA PRO A 103 -16.54 22.99 -10.98
C PRO A 103 -16.50 22.76 -12.48
N ALA A 104 -17.16 21.72 -12.96
CA ALA A 104 -17.17 21.43 -14.39
C ALA A 104 -18.41 22.06 -15.05
N PRO A 105 -18.30 22.38 -16.35
CA PRO A 105 -19.42 22.96 -17.11
C PRO A 105 -20.75 22.22 -16.96
N SER A 106 -20.69 20.89 -16.86
CA SER A 106 -21.86 20.09 -16.60
C SER A 106 -22.66 20.48 -15.35
N GLY A 107 -22.10 21.38 -14.54
CA GLY A 107 -22.70 21.67 -13.25
C GLY A 107 -22.22 20.72 -12.16
N GLU A 108 -21.50 19.68 -12.56
CA GLU A 108 -20.88 18.78 -11.59
C GLU A 108 -19.53 19.30 -11.08
N HIS A 109 -18.90 18.50 -10.22
CA HIS A 109 -17.61 18.86 -9.62
C HIS A 109 -16.60 17.73 -9.76
N ILE A 110 -15.34 18.08 -10.00
CA ILE A 110 -14.32 17.06 -10.15
C ILE A 110 -13.39 17.00 -8.95
N ASP A 111 -13.31 15.82 -8.35
CA ASP A 111 -12.39 15.52 -7.28
C ASP A 111 -11.05 15.06 -7.89
N GLN A 112 -10.13 16.00 -8.06
CA GLN A 112 -8.82 15.71 -8.66
C GLN A 112 -7.99 14.80 -7.75
N ILE A 113 -8.07 15.01 -6.44
CA ILE A 113 -7.41 14.10 -5.51
C ILE A 113 -7.85 12.66 -5.71
N SER A 114 -9.15 12.38 -5.61
CA SER A 114 -9.66 11.03 -5.83
C SER A 114 -9.32 10.50 -7.23
N ALA A 115 -9.37 11.38 -8.24
CA ALA A 115 -9.10 10.95 -9.59
C ALA A 115 -7.66 10.47 -9.70
N ALA A 116 -6.76 11.20 -9.05
CA ALA A 116 -5.33 10.84 -9.10
C ALA A 116 -5.06 9.52 -8.39
N LEU A 117 -5.59 9.36 -7.18
CA LEU A 117 -5.47 8.09 -6.47
C LEU A 117 -5.96 6.94 -7.34
N ASP A 118 -7.08 7.13 -8.03
CA ASP A 118 -7.58 6.09 -8.92
C ASP A 118 -6.56 5.71 -9.95
N LEU A 119 -6.07 6.72 -10.67
CA LEU A 119 -5.07 6.52 -11.70
C LEU A 119 -3.86 5.80 -11.15
N LEU A 120 -3.41 6.20 -9.95
CA LEU A 120 -2.22 5.57 -9.37
C LEU A 120 -2.42 4.10 -9.07
N ARG A 121 -3.65 3.70 -8.71
CA ARG A 121 -3.98 2.32 -8.41
CA ARG A 121 -3.96 2.31 -8.41
C ARG A 121 -4.23 1.48 -9.67
N THR A 122 -4.88 2.09 -10.67
CA THR A 122 -5.30 1.32 -11.84
C THR A 122 -4.46 1.53 -13.09
N ASP A 123 -3.81 2.69 -13.16
CA ASP A 123 -3.00 3.04 -14.33
C ASP A 123 -1.81 3.92 -13.95
N PRO A 124 -0.89 3.36 -13.15
CA PRO A 124 0.28 4.07 -12.60
C PRO A 124 1.22 4.66 -13.66
N ASP A 125 1.17 4.16 -14.89
CA ASP A 125 2.08 4.67 -15.90
C ASP A 125 1.47 5.86 -16.62
N SER A 126 0.28 6.27 -16.17
CA SER A 126 -0.36 7.37 -16.82
C SER A 126 0.52 8.58 -16.72
N ARG A 127 0.50 9.39 -17.76
CA ARG A 127 1.26 10.62 -17.78
C ARG A 127 0.32 11.80 -17.60
N ARG A 128 -0.87 11.52 -17.08
CA ARG A 128 -1.92 12.52 -16.92
C ARG A 128 -2.36 12.62 -15.47
N ILE A 129 -1.54 12.13 -14.53
CA ILE A 129 -1.93 12.17 -13.13
C ILE A 129 -1.65 13.54 -12.55
N ILE A 130 -2.60 14.43 -12.70
CA ILE A 130 -2.36 15.84 -12.48
C ILE A 130 -3.41 16.46 -11.59
N VAL A 131 -2.97 17.34 -10.70
CA VAL A 131 -3.86 18.17 -9.91
C VAL A 131 -3.54 19.63 -10.19
N SER A 132 -4.55 20.40 -10.57
CA SER A 132 -4.33 21.81 -10.80
C SER A 132 -5.19 22.67 -9.91
N ALA A 133 -4.62 23.76 -9.39
CA ALA A 133 -5.41 24.73 -8.63
C ALA A 133 -5.59 26.01 -9.42
N TRP A 134 -4.95 26.10 -10.59
CA TRP A 134 -5.00 27.30 -11.43
C TRP A 134 -6.28 27.33 -12.28
N ASN A 135 -7.39 27.68 -11.63
CA ASN A 135 -8.70 27.76 -12.30
C ASN A 135 -8.96 29.18 -12.79
N VAL A 136 -8.59 29.41 -14.05
CA VAL A 136 -8.55 30.76 -14.62
C VAL A 136 -9.84 31.52 -14.33
N GLY A 137 -10.98 30.88 -14.57
CA GLY A 137 -12.26 31.54 -14.40
C GLY A 137 -12.62 31.85 -12.95
N GLU A 138 -11.91 31.24 -12.02
CA GLU A 138 -12.27 31.33 -10.61
C GLU A 138 -11.28 32.11 -9.79
N ILE A 139 -10.12 32.43 -10.37
CA ILE A 139 -9.07 33.06 -9.57
C ILE A 139 -9.47 34.41 -8.94
N GLU A 140 -10.28 35.18 -9.65
CA GLU A 140 -10.70 36.50 -9.17
C GLU A 140 -11.54 36.42 -7.89
N ARG A 141 -12.20 35.29 -7.69
CA ARG A 141 -13.04 35.09 -6.52
C ARG A 141 -12.23 34.60 -5.32
N MET A 142 -10.97 34.22 -5.58
CA MET A 142 -10.06 33.77 -4.53
C MET A 142 -9.47 34.95 -3.77
N ALA A 143 -9.30 34.79 -2.47
CA ALA A 143 -8.63 35.78 -1.65
C ALA A 143 -7.24 36.09 -2.19
N LEU A 144 -6.59 35.07 -2.75
CA LEU A 144 -5.25 35.19 -3.33
C LEU A 144 -5.12 34.27 -4.54
N PRO A 145 -4.36 34.68 -5.55
CA PRO A 145 -4.13 33.74 -6.65
C PRO A 145 -3.32 32.54 -6.15
N PRO A 146 -3.58 31.35 -6.71
CA PRO A 146 -2.82 30.18 -6.27
C PRO A 146 -1.31 30.39 -6.49
N CYS A 147 -0.49 29.89 -5.56
CA CYS A 147 0.94 30.03 -5.65
CA CYS A 147 0.95 30.03 -5.65
C CYS A 147 1.59 28.70 -6.04
N HIS A 148 1.33 27.68 -5.22
CA HIS A 148 1.72 26.31 -5.55
C HIS A 148 0.54 25.81 -6.37
N ALA A 149 0.71 25.83 -7.68
CA ALA A 149 -0.40 25.98 -8.62
C ALA A 149 -0.88 24.68 -9.24
N PHE A 150 0.03 23.72 -9.35
CA PHE A 150 -0.16 22.61 -10.26
C PHE A 150 0.85 21.54 -9.86
N PHE A 151 0.42 20.30 -9.75
CA PHE A 151 1.35 19.20 -9.47
C PHE A 151 1.03 17.90 -10.22
N GLN A 152 2.06 17.09 -10.46
CA GLN A 152 1.94 15.85 -11.20
C GLN A 152 2.58 14.69 -10.44
N PHE A 153 2.02 13.50 -10.61
CA PHE A 153 2.60 12.31 -10.03
C PHE A 153 3.16 11.41 -11.12
N TYR A 154 4.14 10.60 -10.74
CA TYR A 154 4.80 9.70 -11.67
C TYR A 154 5.14 8.45 -10.89
N VAL A 155 5.06 7.29 -11.55
CA VAL A 155 5.39 6.05 -10.88
C VAL A 155 6.48 5.30 -11.60
N ALA A 156 7.50 4.89 -10.87
CA ALA A 156 8.55 4.06 -11.41
C ALA A 156 9.04 3.06 -10.37
N ASP A 157 8.90 1.77 -10.67
CA ASP A 157 9.39 0.71 -9.80
C ASP A 157 8.73 0.74 -8.43
N GLY A 158 7.42 0.96 -8.42
CA GLY A 158 6.65 0.95 -7.20
C GLY A 158 6.93 2.14 -6.30
N ARG A 159 7.63 3.12 -6.85
CA ARG A 159 7.89 4.36 -6.12
C ARG A 159 7.15 5.53 -6.75
N LEU A 160 6.55 6.35 -5.89
CA LEU A 160 5.77 7.49 -6.31
C LEU A 160 6.58 8.77 -6.29
N SER A 161 6.53 9.53 -7.39
CA SER A 161 7.20 10.82 -7.43
C SER A 161 6.18 11.91 -7.68
N CYS A 162 6.49 13.10 -7.19
CA CYS A 162 5.60 14.24 -7.34
C CYS A 162 6.41 15.44 -7.74
N GLN A 163 5.92 16.16 -8.74
CA GLN A 163 6.56 17.41 -9.12
C GLN A 163 5.57 18.53 -8.93
N LEU A 164 5.99 19.56 -8.21
CA LEU A 164 5.18 20.74 -7.99
C LEU A 164 5.68 21.86 -8.89
N TYR A 165 4.76 22.60 -9.49
CA TYR A 165 5.09 23.86 -10.13
C TYR A 165 4.58 25.00 -9.23
N GLN A 166 5.49 25.83 -8.77
CA GLN A 166 5.11 26.93 -7.91
C GLN A 166 5.55 28.20 -8.61
N ARG A 167 4.60 29.12 -8.84
CA ARG A 167 4.84 30.22 -9.76
C ARG A 167 5.65 31.34 -9.11
N SER A 168 5.63 31.38 -7.79
CA SER A 168 6.29 32.46 -7.08
C SER A 168 6.74 31.89 -5.75
N ALA A 169 7.96 32.23 -5.35
CA ALA A 169 8.54 31.55 -4.22
C ALA A 169 9.37 32.49 -3.35
N ASP A 170 8.81 32.82 -2.19
CA ASP A 170 9.51 33.57 -1.15
C ASP A 170 10.48 32.57 -0.55
N LEU A 171 11.69 32.55 -1.08
CA LEU A 171 12.60 31.47 -0.81
C LEU A 171 12.89 31.28 0.67
N PHE A 172 12.93 32.38 1.42
CA PHE A 172 13.28 32.25 2.83
C PHE A 172 12.08 31.91 3.73
N LEU A 173 10.97 32.62 3.55
CA LEU A 173 9.82 32.47 4.43
C LEU A 173 8.77 31.46 3.95
N GLY A 174 8.59 31.35 2.64
CA GLY A 174 7.52 30.52 2.10
C GLY A 174 7.93 29.10 1.75
N VAL A 175 8.98 28.98 0.93
CA VAL A 175 9.38 27.68 0.38
C VAL A 175 9.57 26.54 1.39
N PRO A 176 10.11 26.83 2.58
CA PRO A 176 10.28 25.76 3.57
C PRO A 176 8.95 25.11 3.97
N PHE A 177 7.86 25.87 3.97
CA PHE A 177 6.55 25.27 4.22
C PHE A 177 6.06 24.46 3.02
N ASN A 178 6.26 25.00 1.82
CA ASN A 178 5.81 24.33 0.59
C ASN A 178 6.46 22.97 0.38
N ILE A 179 7.76 22.89 0.66
CA ILE A 179 8.52 21.64 0.52
C ILE A 179 7.96 20.58 1.47
N ALA A 180 7.82 20.97 2.73
CA ALA A 180 7.30 20.09 3.75
C ALA A 180 5.87 19.67 3.43
N SER A 181 5.06 20.60 2.97
CA SER A 181 3.67 20.31 2.61
C SER A 181 3.53 19.25 1.51
N TYR A 182 4.24 19.43 0.40
CA TYR A 182 4.09 18.48 -0.69
C TYR A 182 4.75 17.14 -0.43
N ALA A 183 5.81 17.17 0.38
CA ALA A 183 6.46 15.93 0.79
C ALA A 183 5.46 15.11 1.58
N LEU A 184 4.82 15.77 2.53
CA LEU A 184 3.75 15.17 3.30
C LEU A 184 2.65 14.61 2.39
N LEU A 185 2.21 15.40 1.43
CA LEU A 185 1.15 14.96 0.52
C LEU A 185 1.61 13.71 -0.19
N THR A 186 2.87 13.70 -0.62
CA THR A 186 3.39 12.57 -1.37
C THR A 186 3.40 11.28 -0.55
N HIS A 187 3.70 11.38 0.75
CA HIS A 187 3.66 10.21 1.64
C HIS A 187 2.24 9.69 1.77
N MET A 188 1.29 10.60 1.97
CA MET A 188 -0.12 10.24 2.06
C MET A 188 -0.61 9.56 0.79
N MET A 189 -0.30 10.14 -0.37
CA MET A 189 -0.71 9.54 -1.65
C MET A 189 -0.08 8.17 -1.85
N ALA A 190 1.22 8.07 -1.56
CA ALA A 190 1.93 6.82 -1.79
C ALA A 190 1.35 5.69 -0.93
N ALA A 191 1.14 5.99 0.35
CA ALA A 191 0.55 5.06 1.30
C ALA A 191 -0.82 4.58 0.82
N GLN A 192 -1.61 5.50 0.28
CA GLN A 192 -2.96 5.16 -0.16
C GLN A 192 -2.99 4.48 -1.54
N ALA A 193 -1.89 4.54 -2.28
CA ALA A 193 -1.84 3.91 -3.60
C ALA A 193 -1.10 2.60 -3.55
N GLY A 194 -0.61 2.24 -2.36
CA GLY A 194 0.14 1.03 -2.18
C GLY A 194 1.54 1.11 -2.75
N LEU A 195 2.11 2.32 -2.77
CA LEU A 195 3.46 2.54 -3.29
C LEU A 195 4.38 3.08 -2.20
N SER A 196 5.68 3.07 -2.48
CA SER A 196 6.64 3.74 -1.62
C SER A 196 6.91 5.12 -2.18
N VAL A 197 7.62 5.95 -1.43
CA VAL A 197 7.96 7.29 -1.88
C VAL A 197 9.22 7.31 -2.76
N GLY A 198 9.18 8.17 -3.78
CA GLY A 198 10.27 8.35 -4.71
C GLY A 198 10.82 9.75 -4.53
N GLU A 199 10.78 10.56 -5.57
CA GLU A 199 11.33 11.91 -5.51
C GLU A 199 10.26 12.95 -5.33
N PHE A 200 10.61 14.02 -4.63
CA PHE A 200 9.81 15.22 -4.71
C PHE A 200 10.60 16.28 -5.48
N ILE A 201 10.01 16.77 -6.57
CA ILE A 201 10.68 17.73 -7.42
C ILE A 201 9.95 19.07 -7.36
N TRP A 202 10.67 20.10 -6.93
CA TRP A 202 10.14 21.44 -6.77
C TRP A 202 10.65 22.35 -7.91
N THR A 203 9.70 22.90 -8.66
CA THR A 203 10.04 23.71 -9.82
C THR A 203 9.37 25.05 -9.67
N GLY A 204 10.17 26.10 -9.68
CA GLY A 204 9.65 27.42 -9.38
C GLY A 204 9.63 28.35 -10.57
N GLY A 205 8.71 29.30 -10.54
CA GLY A 205 8.71 30.39 -11.49
C GLY A 205 9.65 31.45 -10.97
N ASP A 206 9.09 32.52 -10.42
CA ASP A 206 9.93 33.56 -9.84
C ASP A 206 10.39 33.21 -8.42
N CYS A 207 11.68 32.84 -8.32
CA CYS A 207 12.31 32.45 -7.06
C CYS A 207 13.12 33.61 -6.50
N HIS A 208 12.65 34.18 -5.41
CA HIS A 208 13.21 35.43 -4.93
C HIS A 208 13.57 35.39 -3.44
N ILE A 209 14.64 36.07 -3.08
CA ILE A 209 14.96 36.37 -1.70
C ILE A 209 14.60 37.84 -1.47
N TYR A 210 13.70 38.11 -0.53
CA TYR A 210 13.35 39.51 -0.23
C TYR A 210 14.57 40.23 0.36
N ASP A 211 14.67 41.53 0.07
CA ASP A 211 15.83 42.30 0.50
C ASP A 211 15.97 42.39 2.02
N ASN A 212 14.85 42.27 2.73
CA ASN A 212 14.89 42.32 4.19
C ASN A 212 15.05 40.95 4.84
N HIS A 213 15.55 39.96 4.09
CA HIS A 213 15.85 38.64 4.66
C HIS A 213 17.31 38.28 4.46
N VAL A 214 18.07 39.19 3.89
CA VAL A 214 19.45 38.85 3.49
C VAL A 214 20.27 38.31 4.65
N GLU A 215 20.22 38.99 5.79
CA GLU A 215 21.06 38.59 6.93
C GLU A 215 20.63 37.24 7.48
N GLN A 216 19.31 37.05 7.53
CA GLN A 216 18.76 35.79 8.00
C GLN A 216 19.22 34.64 7.12
N VAL A 217 19.32 34.90 5.82
CA VAL A 217 19.74 33.88 4.88
C VAL A 217 21.21 33.51 5.10
N ARG A 218 22.03 34.53 5.33
CA ARG A 218 23.45 34.32 5.57
C ARG A 218 23.65 33.48 6.83
N LEU A 219 22.89 33.82 7.86
CA LEU A 219 22.88 33.02 9.08
C LEU A 219 22.57 31.56 8.75
N GLN A 220 21.45 31.33 8.07
CA GLN A 220 21.02 29.96 7.76
C GLN A 220 22.05 29.22 6.92
N LEU A 221 22.71 29.92 6.00
CA LEU A 221 23.67 29.29 5.12
C LEU A 221 24.99 28.97 5.84
N SER A 222 25.20 29.56 7.02
CA SER A 222 26.41 29.26 7.80
C SER A 222 26.27 27.97 8.61
N ARG A 223 25.06 27.42 8.66
CA ARG A 223 24.75 26.25 9.50
C ARG A 223 24.94 24.90 8.79
N GLU A 224 25.59 23.94 9.45
CA GLU A 224 25.68 22.59 8.92
C GLU A 224 24.36 21.87 9.12
N PRO A 225 23.77 21.37 8.04
CA PRO A 225 22.52 20.61 8.14
C PRO A 225 22.69 19.37 9.00
N ARG A 226 21.64 19.02 9.73
CA ARG A 226 21.59 17.78 10.46
C ARG A 226 20.93 16.72 9.59
N PRO A 227 21.01 15.45 9.99
CA PRO A 227 20.25 14.42 9.26
C PRO A 227 18.75 14.74 9.24
N TYR A 228 18.08 14.39 8.14
CA TYR A 228 16.63 14.58 8.03
C TYR A 228 15.84 13.69 8.98
N PRO A 229 14.71 14.21 9.48
CA PRO A 229 13.78 13.42 10.29
C PRO A 229 13.14 12.33 9.43
N LYS A 230 12.36 11.46 10.07
CA LYS A 230 11.65 10.41 9.37
C LYS A 230 10.14 10.67 9.49
N LEU A 231 9.40 10.41 8.42
CA LEU A 231 7.96 10.64 8.40
C LEU A 231 7.22 9.32 8.61
N LEU A 232 6.32 9.28 9.58
CA LEU A 232 5.53 8.08 9.83
C LEU A 232 4.03 8.38 9.77
N LEU A 233 3.27 7.49 9.15
CA LEU A 233 1.81 7.63 9.10
C LEU A 233 1.11 6.42 9.70
N ALA A 234 0.14 6.68 10.56
CA ALA A 234 -0.74 5.64 11.04
C ALA A 234 -1.52 5.03 9.86
N ASP A 235 -2.02 3.81 10.03
CA ASP A 235 -2.85 3.19 9.01
C ASP A 235 -4.22 3.87 8.86
N ARG A 236 -4.60 4.17 7.62
CA ARG A 236 -5.97 4.60 7.29
C ARG A 236 -6.36 4.06 5.92
N ASP A 237 -7.64 3.83 5.68
CA ASP A 237 -8.01 3.25 4.39
CA ASP A 237 -8.11 3.25 4.44
C ASP A 237 -8.49 4.31 3.40
N SER A 238 -8.32 5.58 3.75
CA SER A 238 -8.67 6.69 2.86
C SER A 238 -7.84 7.91 3.20
N ILE A 239 -7.35 8.62 2.18
CA ILE A 239 -6.56 9.82 2.43
C ILE A 239 -7.37 10.87 3.19
N PHE A 240 -8.68 10.86 3.02
CA PHE A 240 -9.54 11.87 3.61
C PHE A 240 -9.79 11.61 5.09
N GLU A 241 -9.37 10.44 5.55
CA GLU A 241 -9.51 10.06 6.96
C GLU A 241 -8.26 10.31 7.83
N TYR A 242 -7.14 10.70 7.23
CA TYR A 242 -5.95 11.04 8.02
C TYR A 242 -6.27 12.20 8.94
N THR A 243 -5.70 12.18 10.14
CA THR A 243 -5.83 13.28 11.09
C THR A 243 -4.44 13.73 11.49
N TYR A 244 -4.36 14.91 12.10
CA TYR A 244 -3.07 15.36 12.64
C TYR A 244 -2.40 14.27 13.46
N GLU A 245 -3.19 13.53 14.23
CA GLU A 245 -2.66 12.53 15.14
C GLU A 245 -2.07 11.32 14.43
N ASP A 246 -2.38 11.13 13.15
CA ASP A 246 -1.83 10.01 12.38
C ASP A 246 -0.44 10.25 11.85
N ILE A 247 0.08 11.45 12.08
CA ILE A 247 1.37 11.85 11.53
C ILE A 247 2.42 12.00 12.62
N VAL A 248 3.59 11.43 12.39
CA VAL A 248 4.69 11.62 13.32
C VAL A 248 5.95 12.04 12.57
N VAL A 249 6.53 13.16 12.99
CA VAL A 249 7.87 13.51 12.52
C VAL A 249 8.89 13.09 13.57
N LYS A 250 9.66 12.06 13.26
CA LYS A 250 10.56 11.44 14.21
C LYS A 250 12.00 11.93 14.03
N ASN A 251 12.70 12.20 15.14
CA ASN A 251 14.11 12.63 15.13
C ASN A 251 14.37 13.94 14.42
N TYR A 252 13.51 14.92 14.64
CA TYR A 252 13.68 16.21 14.03
C TYR A 252 14.57 17.02 14.95
N ASP A 253 15.74 17.37 14.44
CA ASP A 253 16.80 17.97 15.24
C ASP A 253 17.29 19.27 14.59
N PRO A 254 16.41 20.27 14.51
CA PRO A 254 16.85 21.48 13.79
C PRO A 254 17.75 22.42 14.58
N HIS A 255 18.47 23.29 13.86
CA HIS A 255 19.01 24.51 14.44
C HIS A 255 17.84 25.42 14.80
N PRO A 256 18.10 26.43 15.65
CA PRO A 256 17.01 27.30 16.13
C PRO A 256 16.25 28.05 15.03
N ALA A 257 14.99 28.34 15.33
CA ALA A 257 14.19 29.16 14.44
C ALA A 257 14.89 30.50 14.22
N ILE A 258 14.78 31.02 12.99
CA ILE A 258 15.14 32.40 12.69
C ILE A 258 13.86 33.20 12.43
N LYS A 259 13.55 34.14 13.30
CA LYS A 259 12.41 35.04 13.06
C LYS A 259 12.75 36.04 11.98
N ALA A 260 11.78 36.33 11.12
CA ALA A 260 11.98 37.29 10.03
C ALA A 260 11.38 38.64 10.37
N PRO A 261 12.00 39.72 9.88
CA PRO A 261 11.48 41.07 10.11
C PRO A 261 10.08 41.23 9.55
N MET B 2 -27.87 -27.52 21.40
CA MET B 2 -26.77 -26.74 20.85
C MET B 2 -26.53 -27.06 19.37
N THR B 3 -26.50 -26.02 18.54
CA THR B 3 -26.42 -26.14 17.09
C THR B 3 -25.22 -25.38 16.54
N PRO B 4 -24.02 -25.76 16.98
CA PRO B 4 -22.83 -24.98 16.63
C PRO B 4 -22.72 -24.77 15.11
N TYR B 5 -22.94 -25.85 14.35
CA TYR B 5 -22.77 -25.79 12.89
C TYR B 5 -23.78 -24.88 12.22
N GLU B 6 -25.06 -25.11 12.50
CA GLU B 6 -26.12 -24.29 11.94
C GLU B 6 -25.96 -22.84 12.36
N ASP B 7 -25.55 -22.62 13.61
CA ASP B 7 -25.28 -21.25 14.05
C ASP B 7 -24.25 -20.57 13.15
N LEU B 8 -23.13 -21.24 12.93
CA LEU B 8 -22.06 -20.68 12.12
C LEU B 8 -22.54 -20.44 10.71
N LEU B 9 -23.25 -21.43 10.17
CA LEU B 9 -23.75 -21.36 8.81
C LEU B 9 -24.61 -20.11 8.63
N ARG B 10 -25.55 -19.93 9.55
CA ARG B 10 -26.43 -18.76 9.55
C ARG B 10 -25.69 -17.42 9.68
N PHE B 11 -24.65 -17.40 10.50
CA PHE B 11 -23.86 -16.19 10.75
C PHE B 11 -23.05 -15.79 9.50
N VAL B 12 -22.45 -16.78 8.84
CA VAL B 12 -21.77 -16.52 7.58
C VAL B 12 -22.77 -16.10 6.49
N LEU B 13 -23.95 -16.70 6.51
CA LEU B 13 -24.98 -16.32 5.55
C LEU B 13 -25.47 -14.89 5.78
N GLU B 14 -25.59 -14.51 7.05
CA GLU B 14 -26.09 -13.18 7.38
C GLU B 14 -25.06 -12.05 7.26
N THR B 15 -23.81 -12.32 7.63
CA THR B 15 -22.82 -11.24 7.73
C THR B 15 -21.55 -11.46 6.91
N GLY B 16 -21.43 -12.60 6.25
CA GLY B 16 -20.23 -12.91 5.49
C GLY B 16 -19.96 -11.88 4.40
N THR B 17 -18.70 -11.75 4.03
CA THR B 17 -18.32 -10.87 2.95
C THR B 17 -18.34 -11.55 1.57
N PRO B 18 -19.02 -10.92 0.60
CA PRO B 18 -19.07 -11.40 -0.79
C PRO B 18 -17.74 -11.28 -1.46
N LYS B 19 -17.32 -12.33 -2.17
CA LYS B 19 -16.07 -12.35 -2.91
C LYS B 19 -16.32 -13.10 -4.20
N SER B 20 -16.56 -12.37 -5.29
CA SER B 20 -16.85 -12.97 -6.59
C SER B 20 -15.60 -13.28 -7.41
N GLY B 24 -15.05 -18.30 -12.56
CA GLY B 24 -15.21 -17.42 -11.42
C GLY B 24 -16.45 -17.72 -10.59
N THR B 25 -16.27 -18.44 -9.48
CA THR B 25 -17.38 -18.85 -8.62
C THR B 25 -17.41 -18.09 -7.29
N GLY B 26 -18.56 -17.50 -6.97
CA GLY B 26 -18.66 -16.63 -5.81
C GLY B 26 -18.89 -17.26 -4.44
N THR B 27 -18.47 -16.53 -3.41
CA THR B 27 -18.67 -16.95 -2.03
C THR B 27 -19.07 -15.77 -1.15
N ARG B 28 -19.61 -16.12 0.01
CA ARG B 28 -19.84 -15.22 1.12
C ARG B 28 -18.94 -15.82 2.19
N SER B 29 -18.07 -15.02 2.80
CA SER B 29 -17.06 -15.57 3.71
CA SER B 29 -17.10 -15.59 3.73
C SER B 29 -16.82 -14.75 4.97
N LEU B 30 -16.37 -15.44 6.03
CA LEU B 30 -15.86 -14.84 7.25
C LEU B 30 -14.55 -15.55 7.57
N PHE B 31 -13.67 -14.88 8.32
CA PHE B 31 -12.38 -15.43 8.70
C PHE B 31 -12.28 -15.75 10.19
N GLY B 32 -11.67 -16.88 10.52
CA GLY B 32 -11.36 -17.23 11.90
C GLY B 32 -12.53 -17.63 12.77
N GLN B 33 -13.37 -18.54 12.29
CA GLN B 33 -14.54 -18.92 13.06
C GLN B 33 -14.37 -20.23 13.84
N GLN B 34 -15.18 -20.41 14.87
CA GLN B 34 -15.00 -21.53 15.77
C GLN B 34 -16.34 -22.17 16.11
N MET B 35 -16.33 -23.50 16.19
CA MET B 35 -17.48 -24.30 16.59
C MET B 35 -16.99 -25.26 17.65
N ARG B 36 -17.86 -25.56 18.61
CA ARG B 36 -17.46 -26.41 19.70
C ARG B 36 -18.54 -27.45 19.97
N TYR B 37 -18.13 -28.71 20.13
CA TYR B 37 -19.04 -29.81 20.42
C TYR B 37 -18.61 -30.58 21.65
N ASP B 38 -19.54 -30.75 22.59
CA ASP B 38 -19.34 -31.66 23.71
C ASP B 38 -19.66 -33.08 23.24
N LEU B 39 -18.61 -33.87 22.99
CA LEU B 39 -18.78 -35.20 22.41
C LEU B 39 -19.59 -36.13 23.32
N SER B 40 -19.47 -35.84 24.62
CA SER B 40 -20.20 -36.54 25.66
C SER B 40 -21.71 -36.46 25.42
N ALA B 41 -22.13 -35.47 24.65
CA ALA B 41 -23.55 -35.20 24.50
C ALA B 41 -24.10 -35.75 23.20
N GLY B 42 -23.26 -36.44 22.44
CA GLY B 42 -23.69 -37.02 21.19
C GLY B 42 -22.70 -36.77 20.06
N PHE B 43 -22.69 -37.71 19.12
CA PHE B 43 -21.79 -37.66 17.96
C PHE B 43 -22.31 -36.66 16.93
N PRO B 44 -21.46 -35.72 16.50
CA PRO B 44 -21.85 -34.60 15.65
C PRO B 44 -22.03 -34.97 14.17
N LEU B 45 -22.84 -35.96 13.87
CA LEU B 45 -23.25 -36.22 12.50
C LEU B 45 -24.53 -35.43 12.31
N LEU B 46 -24.47 -34.44 11.42
CA LEU B 46 -25.56 -33.47 11.28
C LEU B 46 -26.94 -34.14 11.17
N THR B 47 -27.96 -33.50 11.74
CA THR B 47 -29.32 -34.04 11.67
C THR B 47 -30.27 -33.18 10.86
N THR B 48 -29.80 -32.01 10.44
CA THR B 48 -30.62 -31.13 9.63
C THR B 48 -30.50 -31.46 8.14
N LYS B 49 -29.59 -32.39 7.83
CA LYS B 49 -29.54 -33.03 6.52
C LYS B 49 -28.83 -34.36 6.71
N LYS B 50 -29.11 -35.32 5.85
CA LYS B 50 -28.41 -36.59 5.94
C LYS B 50 -26.97 -36.45 5.47
N VAL B 51 -26.04 -36.92 6.29
CA VAL B 51 -24.64 -36.90 5.97
C VAL B 51 -24.19 -38.34 5.82
N HIS B 52 -23.58 -38.65 4.68
CA HIS B 52 -23.21 -40.03 4.37
C HIS B 52 -22.02 -40.48 5.21
N PHE B 53 -22.30 -41.26 6.25
CA PHE B 53 -21.27 -41.55 7.24
C PHE B 53 -20.26 -42.61 6.77
N LYS B 54 -20.71 -43.55 5.94
CA LYS B 54 -19.85 -44.61 5.42
C LYS B 54 -18.62 -44.02 4.72
N SER B 55 -18.81 -43.00 3.88
CA SER B 55 -17.72 -42.30 3.20
C SER B 55 -16.72 -41.72 4.19
N VAL B 56 -17.25 -41.08 5.23
CA VAL B 56 -16.42 -40.48 6.26
C VAL B 56 -15.54 -41.54 6.91
N ALA B 57 -16.16 -42.62 7.36
CA ALA B 57 -15.42 -43.68 8.05
C ALA B 57 -14.34 -44.31 7.17
N TYR B 58 -14.68 -44.70 5.95
CA TYR B 58 -13.67 -45.31 5.09
C TYR B 58 -12.51 -44.36 4.81
N GLU B 59 -12.84 -43.10 4.56
CA GLU B 59 -11.82 -42.10 4.27
C GLU B 59 -10.84 -41.93 5.43
N LEU B 60 -11.38 -41.90 6.65
CA LEU B 60 -10.54 -41.79 7.82
C LEU B 60 -9.66 -43.04 7.97
N LEU B 61 -10.26 -44.22 7.82
CA LEU B 61 -9.51 -45.46 7.98
C LEU B 61 -8.38 -45.45 6.96
N TRP B 62 -8.68 -44.89 5.79
CA TRP B 62 -7.72 -44.76 4.71
C TRP B 62 -6.59 -43.80 5.07
N PHE B 63 -6.91 -42.63 5.62
CA PHE B 63 -5.87 -41.73 6.14
C PHE B 63 -4.93 -42.45 7.09
N LEU B 64 -5.49 -43.24 8.01
CA LEU B 64 -4.68 -43.91 9.02
C LEU B 64 -3.79 -44.99 8.44
N ARG B 65 -4.09 -45.43 7.21
CA ARG B 65 -3.24 -46.42 6.56
C ARG B 65 -1.95 -45.78 6.06
N GLY B 66 -1.99 -44.48 5.78
CA GLY B 66 -0.82 -43.80 5.25
C GLY B 66 -0.70 -43.96 3.73
N ASP B 67 -1.78 -44.43 3.12
CA ASP B 67 -1.92 -44.65 1.68
C ASP B 67 -2.00 -43.35 0.86
N SER B 68 -1.30 -43.32 -0.26
CA SER B 68 -1.37 -42.19 -1.19
C SER B 68 -2.12 -42.61 -2.45
N ASN B 69 -2.46 -43.89 -2.53
CA ASN B 69 -3.17 -44.45 -3.67
C ASN B 69 -4.61 -44.75 -3.27
N ILE B 70 -5.56 -44.46 -4.15
CA ILE B 70 -6.97 -44.70 -3.85
C ILE B 70 -7.36 -46.16 -3.97
N GLY B 71 -6.42 -47.00 -4.38
CA GLY B 71 -6.66 -48.44 -4.42
C GLY B 71 -7.57 -48.98 -3.34
N TRP B 72 -7.14 -48.86 -2.08
CA TRP B 72 -7.91 -49.38 -0.94
C TRP B 72 -9.34 -48.83 -0.81
N LEU B 73 -9.52 -47.53 -1.06
CA LEU B 73 -10.85 -46.92 -1.08
C LEU B 73 -11.74 -47.56 -2.13
N HIS B 74 -11.20 -47.79 -3.32
CA HIS B 74 -11.93 -48.44 -4.40
C HIS B 74 -12.41 -49.83 -4.06
N GLU B 75 -11.52 -50.65 -3.50
CA GLU B 75 -11.93 -51.95 -2.97
C GLU B 75 -13.25 -51.89 -2.19
N HIS B 76 -13.59 -50.73 -1.63
CA HIS B 76 -14.71 -50.65 -0.69
C HIS B 76 -15.84 -49.79 -1.22
N GLY B 77 -15.65 -49.23 -2.40
CA GLY B 77 -16.74 -48.57 -3.10
C GLY B 77 -16.71 -47.06 -2.94
N VAL B 78 -15.59 -46.54 -2.43
CA VAL B 78 -15.50 -45.10 -2.17
C VAL B 78 -14.78 -44.39 -3.32
N THR B 79 -15.38 -43.32 -3.82
CA THR B 79 -14.91 -42.66 -5.04
C THR B 79 -14.66 -41.18 -4.84
N ILE B 80 -14.86 -40.70 -3.62
CA ILE B 80 -14.72 -39.29 -3.30
C ILE B 80 -13.31 -38.74 -3.55
N TRP B 81 -12.32 -39.62 -3.69
CA TRP B 81 -10.99 -39.16 -4.09
C TRP B 81 -10.62 -39.40 -5.57
N ASP B 82 -11.51 -40.06 -6.32
CA ASP B 82 -11.22 -40.40 -7.73
C ASP B 82 -10.79 -39.22 -8.59
N GLU B 83 -11.47 -38.09 -8.41
CA GLU B 83 -11.28 -36.92 -9.25
C GLU B 83 -9.81 -36.47 -9.42
N TRP B 84 -9.01 -36.65 -8.38
CA TRP B 84 -7.69 -36.04 -8.33
C TRP B 84 -6.55 -37.03 -8.58
N ALA B 85 -6.87 -38.31 -8.67
CA ALA B 85 -5.84 -39.32 -8.78
C ALA B 85 -5.30 -39.48 -10.20
N SER B 86 -4.00 -39.70 -10.30
CA SER B 86 -3.36 -40.09 -11.55
C SER B 86 -4.02 -41.37 -12.07
N ASP B 87 -3.69 -41.75 -13.32
CA ASP B 87 -4.27 -42.93 -13.93
C ASP B 87 -3.71 -44.24 -13.39
N THR B 88 -2.88 -44.15 -12.34
CA THR B 88 -2.42 -45.33 -11.63
CA THR B 88 -2.39 -45.31 -11.62
C THR B 88 -2.95 -45.33 -10.20
N GLY B 89 -3.69 -44.28 -9.85
CA GLY B 89 -4.33 -44.18 -8.54
C GLY B 89 -3.64 -43.30 -7.50
N GLU B 90 -2.56 -42.65 -7.91
CA GLU B 90 -1.73 -41.91 -6.98
C GLU B 90 -2.19 -40.47 -6.73
N LEU B 91 -1.97 -39.97 -5.52
CA LEU B 91 -2.43 -38.64 -5.15
C LEU B 91 -1.35 -37.71 -4.62
N GLY B 92 -0.13 -38.23 -4.48
CA GLY B 92 0.93 -37.45 -3.86
C GLY B 92 0.84 -37.60 -2.36
N PRO B 93 1.81 -37.04 -1.62
CA PRO B 93 1.88 -37.28 -0.17
C PRO B 93 0.85 -36.49 0.63
N ILE B 94 -0.43 -36.78 0.40
CA ILE B 94 -1.51 -36.10 1.08
C ILE B 94 -1.69 -36.56 2.53
N TYR B 95 -2.71 -36.00 3.18
CA TYR B 95 -3.07 -36.22 4.60
C TYR B 95 -2.39 -37.39 5.32
N GLY B 96 -2.91 -38.60 5.09
CA GLY B 96 -2.46 -39.78 5.80
C GLY B 96 -0.97 -40.05 5.69
N VAL B 97 -0.40 -39.75 4.54
CA VAL B 97 1.03 -39.91 4.34
C VAL B 97 1.84 -38.97 5.24
N GLN B 98 1.34 -37.75 5.44
CA GLN B 98 1.98 -36.85 6.38
C GLN B 98 1.76 -37.38 7.81
N TRP B 99 0.55 -37.84 8.12
CA TRP B 99 0.22 -38.39 9.42
C TRP B 99 1.12 -39.57 9.82
N ARG B 100 1.37 -40.47 8.89
CA ARG B 100 2.04 -41.71 9.24
C ARG B 100 3.50 -41.69 8.81
N SER B 101 3.87 -40.78 7.92
CA SER B 101 5.23 -40.79 7.40
C SER B 101 5.75 -39.46 6.87
N TRP B 102 5.71 -38.43 7.73
CA TRP B 102 6.33 -37.16 7.41
C TRP B 102 7.86 -37.36 7.33
N PRO B 103 8.44 -37.09 6.16
CA PRO B 103 9.90 -37.26 6.03
C PRO B 103 10.70 -36.10 6.63
N ALA B 104 11.52 -36.41 7.63
CA ALA B 104 12.42 -35.43 8.24
C ALA B 104 13.59 -35.16 7.29
N PRO B 105 14.38 -34.12 7.57
CA PRO B 105 15.51 -33.79 6.68
C PRO B 105 16.53 -34.93 6.56
N SER B 106 16.70 -35.70 7.64
CA SER B 106 17.54 -36.89 7.61
C SER B 106 17.02 -37.95 6.66
N GLY B 107 15.73 -37.88 6.31
CA GLY B 107 15.14 -38.82 5.37
C GLY B 107 14.18 -39.74 6.08
N GLU B 108 14.30 -39.72 7.39
CA GLU B 108 13.47 -40.53 8.27
C GLU B 108 11.98 -40.21 8.20
N HIS B 109 11.16 -41.25 8.27
CA HIS B 109 9.72 -41.11 8.22
C HIS B 109 9.11 -41.05 9.61
N ILE B 110 8.45 -39.94 9.95
CA ILE B 110 7.83 -39.75 11.28
C ILE B 110 6.37 -40.18 11.33
N ASP B 111 6.05 -41.16 12.18
CA ASP B 111 4.65 -41.55 12.44
C ASP B 111 4.05 -40.64 13.51
N GLN B 112 3.33 -39.62 13.07
CA GLN B 112 2.76 -38.65 13.99
C GLN B 112 1.59 -39.20 14.78
N ILE B 113 0.81 -40.07 14.15
CA ILE B 113 -0.29 -40.69 14.85
C ILE B 113 0.19 -41.52 16.04
N SER B 114 1.16 -42.39 15.82
CA SER B 114 1.69 -43.24 16.88
C SER B 114 2.34 -42.43 18.00
N ALA B 115 3.09 -41.40 17.60
CA ALA B 115 3.77 -40.54 18.56
C ALA B 115 2.80 -39.75 19.43
N ALA B 116 1.65 -39.41 18.86
CA ALA B 116 0.62 -38.67 19.58
C ALA B 116 -0.12 -39.56 20.61
N LEU B 117 -0.41 -40.80 20.21
CA LEU B 117 -0.97 -41.81 21.11
C LEU B 117 -0.05 -42.09 22.30
N ASP B 118 1.25 -42.27 22.03
CA ASP B 118 2.27 -42.39 23.07
C ASP B 118 2.14 -41.30 24.13
N LEU B 119 2.22 -40.04 23.69
CA LEU B 119 2.11 -38.91 24.62
C LEU B 119 0.82 -38.99 25.43
N LEU B 120 -0.29 -39.35 24.78
CA LEU B 120 -1.55 -39.49 25.49
C LEU B 120 -1.47 -40.54 26.61
N ARG B 121 -0.72 -41.62 26.37
CA ARG B 121 -0.65 -42.73 27.32
C ARG B 121 0.44 -42.47 28.37
N THR B 122 1.36 -41.58 28.01
CA THR B 122 2.60 -41.40 28.74
C THR B 122 2.70 -40.03 29.39
N ASP B 123 2.29 -39.00 28.65
CA ASP B 123 2.37 -37.62 29.13
C ASP B 123 1.11 -36.85 28.74
N PRO B 124 -0.03 -37.26 29.29
CA PRO B 124 -1.37 -36.74 28.96
C PRO B 124 -1.46 -35.22 29.08
N ASP B 125 -0.67 -34.62 29.95
CA ASP B 125 -0.79 -33.19 30.25
C ASP B 125 0.06 -32.35 29.31
N SER B 126 0.78 -33.02 28.43
CA SER B 126 1.61 -32.36 27.42
C SER B 126 0.81 -31.43 26.51
N ARG B 127 1.44 -30.32 26.15
CA ARG B 127 0.81 -29.31 25.32
C ARG B 127 1.41 -29.31 23.90
N ARG B 128 2.03 -30.42 23.53
CA ARG B 128 2.64 -30.57 22.23
C ARG B 128 2.09 -31.79 21.51
N ILE B 129 0.91 -32.23 21.89
CA ILE B 129 0.30 -33.39 21.25
C ILE B 129 -0.36 -32.97 19.94
N ILE B 130 0.45 -32.92 18.88
CA ILE B 130 0.02 -32.35 17.61
C ILE B 130 0.30 -33.22 16.38
N VAL B 131 -0.65 -33.24 15.45
CA VAL B 131 -0.48 -33.86 14.14
C VAL B 131 -0.66 -32.81 13.04
N SER B 132 0.30 -32.73 12.12
CA SER B 132 0.24 -31.72 11.07
C SER B 132 0.30 -32.35 9.69
N ALA B 133 -0.56 -31.91 8.79
CA ALA B 133 -0.46 -32.35 7.41
C ALA B 133 0.21 -31.27 6.56
N TRP B 134 0.50 -30.14 7.19
CA TRP B 134 1.01 -28.98 6.48
C TRP B 134 2.52 -29.04 6.37
N ASN B 135 2.98 -29.96 5.54
CA ASN B 135 4.39 -30.07 5.26
C ASN B 135 4.72 -29.10 4.13
N VAL B 136 5.22 -27.93 4.50
CA VAL B 136 5.52 -26.89 3.51
C VAL B 136 6.35 -27.42 2.34
N GLY B 137 7.34 -28.25 2.65
CA GLY B 137 8.25 -28.76 1.64
C GLY B 137 7.72 -29.88 0.76
N GLU B 138 6.46 -30.28 0.97
CA GLU B 138 5.87 -31.34 0.15
C GLU B 138 4.48 -31.01 -0.38
N ILE B 139 3.96 -29.84 -0.03
CA ILE B 139 2.60 -29.47 -0.44
C ILE B 139 2.44 -29.44 -1.95
N GLU B 140 3.49 -29.05 -2.66
CA GLU B 140 3.41 -28.94 -4.12
C GLU B 140 3.35 -30.31 -4.79
N ARG B 141 3.87 -31.32 -4.10
CA ARG B 141 3.79 -32.69 -4.58
C ARG B 141 2.38 -33.28 -4.45
N MET B 142 1.55 -32.71 -3.58
CA MET B 142 0.22 -33.24 -3.32
C MET B 142 -0.73 -32.89 -4.44
N ALA B 143 -1.70 -33.77 -4.68
CA ALA B 143 -2.76 -33.49 -5.64
C ALA B 143 -3.47 -32.19 -5.25
N LEU B 144 -3.89 -32.14 -4.00
CA LEU B 144 -4.52 -30.94 -3.45
C LEU B 144 -3.76 -30.53 -2.20
N PRO B 145 -3.70 -29.22 -1.92
CA PRO B 145 -3.09 -28.74 -0.68
C PRO B 145 -4.02 -29.05 0.49
N PRO B 146 -3.45 -29.42 1.64
CA PRO B 146 -4.32 -29.84 2.75
C PRO B 146 -5.32 -28.76 3.22
N CYS B 147 -6.56 -29.18 3.47
CA CYS B 147 -7.59 -28.27 3.97
CA CYS B 147 -7.58 -28.27 3.96
C CYS B 147 -7.69 -28.35 5.48
N HIS B 148 -7.87 -29.57 5.99
CA HIS B 148 -7.80 -29.79 7.41
C HIS B 148 -6.31 -30.01 7.72
N ALA B 149 -5.69 -28.96 8.24
CA ALA B 149 -4.25 -28.78 8.13
C ALA B 149 -3.46 -29.39 9.30
N PHE B 150 -4.03 -29.29 10.50
CA PHE B 150 -3.37 -29.80 11.69
C PHE B 150 -4.29 -29.80 12.92
N PHE B 151 -4.05 -30.73 13.83
CA PHE B 151 -4.91 -30.85 14.99
C PHE B 151 -4.13 -31.12 16.26
N GLN B 152 -4.69 -30.70 17.39
CA GLN B 152 -4.05 -30.90 18.70
C GLN B 152 -4.96 -31.68 19.67
N PHE B 153 -4.36 -32.46 20.55
CA PHE B 153 -5.12 -33.14 21.59
C PHE B 153 -4.80 -32.57 22.96
N TYR B 154 -5.75 -32.75 23.87
CA TYR B 154 -5.68 -32.15 25.20
C TYR B 154 -6.47 -33.00 26.18
N VAL B 155 -5.88 -33.25 27.34
CA VAL B 155 -6.51 -34.09 28.33
C VAL B 155 -6.80 -33.35 29.64
N ALA B 156 -8.01 -33.57 30.15
CA ALA B 156 -8.48 -32.93 31.37
C ALA B 156 -9.47 -33.85 32.07
N ASP B 157 -9.11 -34.27 33.28
CA ASP B 157 -9.97 -35.15 34.07
C ASP B 157 -10.36 -36.39 33.27
N GLY B 158 -9.35 -37.03 32.68
CA GLY B 158 -9.53 -38.24 31.89
C GLY B 158 -10.34 -38.11 30.60
N ARG B 159 -10.58 -36.87 30.18
CA ARG B 159 -11.34 -36.63 28.96
C ARG B 159 -10.43 -36.13 27.85
N LEU B 160 -10.59 -36.69 26.65
CA LEU B 160 -9.76 -36.27 25.51
C LEU B 160 -10.47 -35.21 24.69
N SER B 161 -9.82 -34.08 24.48
CA SER B 161 -10.35 -33.07 23.57
C SER B 161 -9.47 -32.96 22.34
N CYS B 162 -10.07 -32.51 21.23
CA CYS B 162 -9.33 -32.30 19.97
C CYS B 162 -9.70 -30.97 19.33
N GLN B 163 -8.71 -30.20 18.92
CA GLN B 163 -8.96 -28.98 18.14
C GLN B 163 -8.38 -29.13 16.73
N LEU B 164 -9.22 -28.93 15.71
CA LEU B 164 -8.82 -28.99 14.31
C LEU B 164 -8.67 -27.58 13.75
N TYR B 165 -7.54 -27.30 13.12
CA TYR B 165 -7.42 -26.07 12.33
C TYR B 165 -7.67 -26.36 10.86
N GLN B 166 -8.78 -25.85 10.33
CA GLN B 166 -9.12 -26.01 8.93
C GLN B 166 -8.96 -24.68 8.21
N ARG B 167 -7.96 -24.60 7.32
CA ARG B 167 -7.59 -23.34 6.66
C ARG B 167 -8.67 -22.84 5.72
N SER B 168 -9.55 -23.73 5.29
CA SER B 168 -10.49 -23.42 4.23
C SER B 168 -11.69 -24.30 4.41
N ALA B 169 -12.88 -23.72 4.32
CA ALA B 169 -14.06 -24.42 4.77
C ALA B 169 -15.26 -24.17 3.88
N ASP B 170 -15.60 -25.17 3.08
CA ASP B 170 -16.84 -25.18 2.32
C ASP B 170 -17.94 -25.51 3.33
N LEU B 171 -18.64 -24.48 3.80
CA LEU B 171 -19.54 -24.66 4.94
C LEU B 171 -20.66 -25.64 4.66
N PHE B 172 -21.36 -25.48 3.54
CA PHE B 172 -22.46 -26.37 3.24
C PHE B 172 -22.03 -27.79 2.86
N LEU B 173 -21.01 -27.90 2.00
CA LEU B 173 -20.66 -29.20 1.40
C LEU B 173 -19.52 -29.97 2.10
N GLY B 174 -18.46 -29.27 2.47
CA GLY B 174 -17.30 -29.92 3.05
C GLY B 174 -17.28 -30.06 4.57
N VAL B 175 -17.69 -29.02 5.28
CA VAL B 175 -17.53 -29.02 6.74
C VAL B 175 -18.24 -30.16 7.48
N PRO B 176 -19.47 -30.52 7.07
CA PRO B 176 -20.14 -31.63 7.77
C PRO B 176 -19.32 -32.91 7.78
N PHE B 177 -18.67 -33.28 6.68
CA PHE B 177 -17.79 -34.43 6.70
C PHE B 177 -16.59 -34.22 7.63
N ASN B 178 -15.98 -33.03 7.55
CA ASN B 178 -14.80 -32.75 8.38
C ASN B 178 -15.12 -32.91 9.86
N ILE B 179 -16.28 -32.40 10.27
CA ILE B 179 -16.69 -32.51 11.65
C ILE B 179 -16.84 -33.97 12.08
N ALA B 180 -17.59 -34.74 11.29
CA ALA B 180 -17.82 -36.15 11.63
C ALA B 180 -16.50 -36.89 11.60
N SER B 181 -15.64 -36.53 10.65
CA SER B 181 -14.38 -37.22 10.48
C SER B 181 -13.52 -37.11 11.73
N TYR B 182 -13.29 -35.88 12.18
CA TYR B 182 -12.44 -35.66 13.35
C TYR B 182 -13.08 -36.04 14.69
N ALA B 183 -14.41 -35.97 14.77
CA ALA B 183 -15.13 -36.47 15.92
C ALA B 183 -14.89 -37.98 16.05
N LEU B 184 -15.00 -38.68 14.92
CA LEU B 184 -14.71 -40.11 14.87
C LEU B 184 -13.26 -40.39 15.32
N LEU B 185 -12.30 -39.66 14.77
CA LEU B 185 -10.90 -39.89 15.12
C LEU B 185 -10.68 -39.63 16.61
N THR B 186 -11.32 -38.59 17.13
CA THR B 186 -11.17 -38.30 18.55
C THR B 186 -11.64 -39.49 19.39
N HIS B 187 -12.81 -40.03 19.07
CA HIS B 187 -13.26 -41.28 19.71
C HIS B 187 -12.25 -42.41 19.56
N MET B 188 -11.61 -42.53 18.40
CA MET B 188 -10.66 -43.60 18.19
C MET B 188 -9.42 -43.40 19.05
N MET B 189 -8.90 -42.17 19.05
CA MET B 189 -7.76 -41.83 19.88
C MET B 189 -8.06 -42.00 21.37
N ALA B 190 -9.25 -41.59 21.81
CA ALA B 190 -9.64 -41.76 23.22
C ALA B 190 -9.72 -43.22 23.62
N ALA B 191 -10.41 -44.02 22.81
CA ALA B 191 -10.53 -45.46 23.07
C ALA B 191 -9.17 -46.12 23.20
N GLN B 192 -8.22 -45.72 22.35
CA GLN B 192 -6.91 -46.34 22.39
C GLN B 192 -6.03 -45.86 23.55
N ALA B 193 -6.34 -44.70 24.12
CA ALA B 193 -5.50 -44.10 25.16
C ALA B 193 -6.14 -44.21 26.53
N GLY B 194 -7.25 -44.93 26.61
CA GLY B 194 -7.92 -45.19 27.86
C GLY B 194 -8.71 -44.02 28.42
N LEU B 195 -9.14 -43.12 27.55
CA LEU B 195 -9.82 -41.91 27.98
C LEU B 195 -11.28 -41.86 27.55
N SER B 196 -12.06 -40.99 28.17
CA SER B 196 -13.39 -40.69 27.67
C SER B 196 -13.27 -39.53 26.69
N VAL B 197 -14.38 -39.17 26.07
CA VAL B 197 -14.36 -38.10 25.09
C VAL B 197 -14.75 -36.78 25.74
N GLY B 198 -14.04 -35.73 25.36
CA GLY B 198 -14.37 -34.38 25.80
C GLY B 198 -14.97 -33.56 24.67
N GLU B 199 -14.23 -32.54 24.24
CA GLU B 199 -14.74 -31.65 23.21
C GLU B 199 -14.01 -31.84 21.90
N PHE B 200 -14.75 -31.70 20.80
CA PHE B 200 -14.13 -31.46 19.51
C PHE B 200 -14.30 -29.99 19.20
N ILE B 201 -13.19 -29.30 19.01
CA ILE B 201 -13.22 -27.89 18.66
C ILE B 201 -12.78 -27.70 17.22
N TRP B 202 -13.64 -27.06 16.42
CA TRP B 202 -13.34 -26.80 15.03
C TRP B 202 -13.02 -25.32 14.86
N THR B 203 -11.82 -25.03 14.36
CA THR B 203 -11.40 -23.64 14.13
C THR B 203 -11.06 -23.46 12.66
N GLY B 204 -11.77 -22.53 12.01
CA GLY B 204 -11.59 -22.30 10.60
C GLY B 204 -10.83 -21.02 10.26
N GLY B 205 -10.14 -21.07 9.13
CA GLY B 205 -9.61 -19.88 8.48
C GLY B 205 -10.69 -19.25 7.62
N ASP B 206 -10.60 -19.43 6.30
CA ASP B 206 -11.60 -18.91 5.39
C ASP B 206 -12.89 -19.75 5.39
N CYS B 207 -13.92 -19.26 6.07
CA CYS B 207 -15.18 -20.01 6.20
C CYS B 207 -16.23 -19.45 5.26
N HIS B 208 -16.53 -20.21 4.20
CA HIS B 208 -17.35 -19.66 3.13
C HIS B 208 -18.59 -20.48 2.77
N ILE B 209 -19.59 -19.77 2.27
CA ILE B 209 -20.74 -20.40 1.65
C ILE B 209 -20.72 -20.08 0.17
N TYR B 210 -20.64 -21.11 -0.66
CA TYR B 210 -20.66 -20.90 -2.11
C TYR B 210 -22.01 -20.35 -2.56
N ASP B 211 -21.99 -19.36 -3.45
CA ASP B 211 -23.22 -18.78 -3.99
C ASP B 211 -24.21 -19.81 -4.51
N ASN B 212 -23.71 -20.83 -5.19
CA ASN B 212 -24.63 -21.84 -5.73
C ASN B 212 -25.11 -22.82 -4.68
N HIS B 213 -24.86 -22.50 -3.41
CA HIS B 213 -25.29 -23.35 -2.31
C HIS B 213 -26.33 -22.64 -1.45
N VAL B 214 -26.64 -21.41 -1.79
CA VAL B 214 -27.43 -20.55 -0.91
C VAL B 214 -28.85 -21.04 -0.59
N GLU B 215 -29.54 -21.57 -1.60
CA GLU B 215 -30.90 -22.04 -1.39
C GLU B 215 -30.91 -23.36 -0.62
N GLN B 216 -29.83 -24.12 -0.77
CA GLN B 216 -29.69 -25.35 -0.02
C GLN B 216 -29.47 -25.02 1.45
N VAL B 217 -28.64 -24.00 1.71
CA VAL B 217 -28.41 -23.55 3.07
C VAL B 217 -29.72 -23.04 3.71
N ARG B 218 -30.48 -22.23 2.99
CA ARG B 218 -31.74 -21.70 3.53
C ARG B 218 -32.72 -22.81 3.85
N LEU B 219 -32.70 -23.86 3.03
CA LEU B 219 -33.56 -25.01 3.26
C LEU B 219 -33.15 -25.72 4.53
N GLN B 220 -31.84 -25.93 4.68
CA GLN B 220 -31.31 -26.57 5.89
C GLN B 220 -31.61 -25.78 7.16
N LEU B 221 -31.49 -24.46 7.07
CA LEU B 221 -31.62 -23.62 8.25
C LEU B 221 -33.06 -23.48 8.69
N SER B 222 -33.99 -23.85 7.80
CA SER B 222 -35.42 -23.81 8.13
C SER B 222 -35.87 -25.06 8.89
N ARG B 223 -35.06 -26.11 8.85
CA ARG B 223 -35.40 -27.36 9.53
C ARG B 223 -35.12 -27.31 11.03
N GLU B 224 -35.91 -28.05 11.79
CA GLU B 224 -35.70 -28.12 13.24
CA GLU B 224 -35.73 -28.16 13.24
C GLU B 224 -34.59 -29.11 13.60
N PRO B 225 -33.60 -28.62 14.34
CA PRO B 225 -32.53 -29.51 14.78
C PRO B 225 -33.07 -30.66 15.62
N ARG B 226 -32.49 -31.84 15.42
CA ARG B 226 -32.85 -33.03 16.16
C ARG B 226 -31.61 -33.47 16.90
N PRO B 227 -31.77 -34.16 18.04
CA PRO B 227 -30.64 -34.63 18.85
C PRO B 227 -29.69 -35.51 18.05
N TYR B 228 -28.40 -35.45 18.40
CA TYR B 228 -27.36 -36.19 17.71
C TYR B 228 -27.40 -37.66 18.05
N PRO B 229 -26.95 -38.49 17.11
CA PRO B 229 -26.92 -39.92 17.32
C PRO B 229 -25.80 -40.26 18.28
N LYS B 230 -25.67 -41.55 18.60
CA LYS B 230 -24.64 -42.02 19.50
C LYS B 230 -23.66 -42.89 18.70
N LEU B 231 -22.39 -42.84 19.06
CA LEU B 231 -21.37 -43.62 18.36
C LEU B 231 -20.90 -44.80 19.20
N LEU B 232 -20.96 -45.99 18.64
CA LEU B 232 -20.45 -47.17 19.32
C LEU B 232 -19.25 -47.70 18.56
N LEU B 233 -18.13 -47.83 19.25
CA LEU B 233 -16.89 -48.29 18.66
C LEU B 233 -16.55 -49.63 19.26
N ALA B 234 -16.45 -50.67 18.43
CA ALA B 234 -16.05 -51.98 18.92
C ALA B 234 -14.60 -51.89 19.41
N ASP B 235 -14.22 -52.75 20.36
CA ASP B 235 -12.88 -52.68 20.93
C ASP B 235 -11.82 -53.23 20.00
N ARG B 236 -10.67 -52.57 19.97
CA ARG B 236 -9.53 -53.04 19.19
C ARG B 236 -8.28 -52.77 20.00
N ASP B 237 -7.16 -53.34 19.57
CA ASP B 237 -5.93 -53.26 20.34
C ASP B 237 -5.01 -52.17 19.80
N SER B 238 -5.26 -51.77 18.55
CA SER B 238 -4.49 -50.71 17.92
C SER B 238 -5.43 -49.84 17.10
N ILE B 239 -5.12 -48.55 17.04
CA ILE B 239 -5.88 -47.62 16.22
C ILE B 239 -5.82 -47.99 14.75
N PHE B 240 -4.81 -48.76 14.36
CA PHE B 240 -4.68 -49.18 12.96
C PHE B 240 -5.46 -50.42 12.58
N GLU B 241 -6.13 -51.01 13.57
CA GLU B 241 -6.87 -52.24 13.35
C GLU B 241 -8.39 -52.02 13.25
N TYR B 242 -8.85 -50.82 13.52
CA TYR B 242 -10.28 -50.52 13.36
C TYR B 242 -10.77 -50.85 11.95
N THR B 243 -12.05 -51.22 11.85
CA THR B 243 -12.65 -51.50 10.56
C THR B 243 -14.06 -50.93 10.55
N TYR B 244 -14.58 -50.64 9.37
CA TYR B 244 -15.93 -50.11 9.26
C TYR B 244 -16.92 -50.90 10.11
N GLU B 245 -16.69 -52.20 10.21
CA GLU B 245 -17.57 -53.08 10.98
C GLU B 245 -17.62 -52.67 12.46
N ASP B 246 -16.54 -52.07 12.94
CA ASP B 246 -16.41 -51.63 14.33
C ASP B 246 -17.09 -50.30 14.60
N ILE B 247 -17.58 -49.65 13.55
CA ILE B 247 -17.99 -48.27 13.66
C ILE B 247 -19.48 -48.14 13.41
N VAL B 248 -20.24 -48.02 14.49
CA VAL B 248 -21.70 -48.01 14.40
C VAL B 248 -22.35 -46.74 14.95
N VAL B 249 -23.40 -46.33 14.27
CA VAL B 249 -24.17 -45.17 14.65
C VAL B 249 -25.55 -45.65 15.06
N LYS B 250 -26.07 -45.13 16.17
CA LYS B 250 -27.42 -45.46 16.60
C LYS B 250 -28.22 -44.19 16.83
N ASN B 251 -29.55 -44.29 16.72
CA ASN B 251 -30.44 -43.16 16.95
C ASN B 251 -30.17 -41.98 16.03
N TYR B 252 -29.76 -42.30 14.81
CA TYR B 252 -29.54 -41.28 13.79
C TYR B 252 -30.74 -41.16 12.87
N ASP B 253 -31.54 -40.11 13.06
CA ASP B 253 -32.70 -39.86 12.20
C ASP B 253 -32.68 -38.43 11.66
N PRO B 254 -31.86 -38.19 10.63
CA PRO B 254 -31.73 -36.85 10.05
C PRO B 254 -32.91 -36.44 9.18
N HIS B 255 -33.05 -35.13 8.95
CA HIS B 255 -33.90 -34.63 7.89
C HIS B 255 -33.32 -35.13 6.56
N PRO B 256 -34.12 -35.11 5.48
CA PRO B 256 -33.65 -35.75 4.25
C PRO B 256 -32.33 -35.18 3.73
N ALA B 257 -31.58 -36.00 3.00
CA ALA B 257 -30.38 -35.52 2.32
C ALA B 257 -30.75 -34.32 1.46
N ILE B 258 -29.80 -33.40 1.29
CA ILE B 258 -29.99 -32.34 0.30
C ILE B 258 -29.03 -32.54 -0.86
N LYS B 259 -29.58 -32.89 -2.02
CA LYS B 259 -28.77 -33.06 -3.24
C LYS B 259 -27.95 -31.80 -3.50
N ALA B 260 -26.64 -31.98 -3.63
CA ALA B 260 -25.74 -30.85 -3.86
C ALA B 260 -25.56 -30.59 -5.34
N PRO B 261 -25.20 -29.34 -5.69
CA PRO B 261 -24.92 -28.96 -7.08
C PRO B 261 -23.42 -28.92 -7.35
N MET C 2 25.86 25.26 -26.53
CA MET C 2 25.04 24.53 -25.56
C MET C 2 23.91 23.76 -26.25
N THR C 3 23.80 22.48 -25.93
CA THR C 3 22.79 21.60 -26.53
C THR C 3 21.96 20.88 -25.45
N PRO C 4 21.14 21.64 -24.72
CA PRO C 4 20.32 21.07 -23.65
C PRO C 4 19.47 19.90 -24.16
N TYR C 5 18.88 20.07 -25.34
CA TYR C 5 18.05 19.01 -25.91
C TYR C 5 18.80 17.68 -26.03
N GLU C 6 19.86 17.69 -26.82
CA GLU C 6 20.72 16.51 -27.00
C GLU C 6 21.26 15.93 -25.69
N ASP C 7 21.68 16.80 -24.79
CA ASP C 7 22.10 16.32 -23.47
C ASP C 7 20.98 15.51 -22.83
N LEU C 8 19.77 16.06 -22.85
CA LEU C 8 18.63 15.44 -22.19
C LEU C 8 18.32 14.08 -22.82
N LEU C 9 18.26 14.08 -24.15
CA LEU C 9 18.08 12.87 -24.92
C LEU C 9 19.09 11.80 -24.50
N ARG C 10 20.36 12.17 -24.49
CA ARG C 10 21.41 11.23 -24.09
C ARG C 10 21.12 10.69 -22.70
N PHE C 11 20.82 11.59 -21.78
CA PHE C 11 20.62 11.26 -20.37
C PHE C 11 19.48 10.29 -20.18
N VAL C 12 18.39 10.53 -20.90
CA VAL C 12 17.22 9.67 -20.77
C VAL C 12 17.49 8.32 -21.40
N LEU C 13 18.17 8.32 -22.55
CA LEU C 13 18.58 7.09 -23.21
C LEU C 13 19.44 6.20 -22.31
N GLU C 14 20.39 6.79 -21.61
CA GLU C 14 21.28 6.06 -20.70
C GLU C 14 20.68 5.67 -19.36
N THR C 15 19.94 6.58 -18.72
CA THR C 15 19.46 6.30 -17.37
C THR C 15 17.94 6.13 -17.23
N GLY C 16 17.20 6.27 -18.34
CA GLY C 16 15.75 6.10 -18.29
C GLY C 16 15.32 4.73 -17.79
N THR C 17 14.13 4.69 -17.19
CA THR C 17 13.52 3.48 -16.69
C THR C 17 12.65 2.87 -17.78
N PRO C 18 12.75 1.55 -18.00
CA PRO C 18 11.89 0.92 -19.00
C PRO C 18 10.46 0.86 -18.47
N LYS C 19 9.47 1.02 -19.33
CA LYS C 19 8.08 1.20 -18.91
C LYS C 19 7.08 0.71 -19.94
N SER C 20 5.81 1.09 -19.74
CA SER C 20 4.73 0.77 -20.68
C SER C 20 3.74 1.92 -20.90
N ASP C 21 2.84 1.72 -21.87
CA ASP C 21 1.78 2.68 -22.19
CA ASP C 21 1.68 2.60 -22.10
C ASP C 21 0.96 2.24 -23.39
N GLY C 24 0.79 1.95 -26.54
CA GLY C 24 1.13 0.55 -26.75
C GLY C 24 2.62 0.26 -26.73
N THR C 25 3.40 1.20 -27.27
CA THR C 25 4.85 1.07 -27.29
C THR C 25 5.42 1.31 -25.89
N GLY C 26 6.55 0.66 -25.60
CA GLY C 26 7.31 0.95 -24.40
C GLY C 26 8.20 2.18 -24.54
N THR C 27 8.71 2.66 -23.40
CA THR C 27 9.53 3.86 -23.38
C THR C 27 10.69 3.75 -22.37
N ARG C 28 11.67 4.65 -22.51
CA ARG C 28 12.62 4.97 -21.44
CA ARG C 28 12.60 4.96 -21.42
C ARG C 28 12.07 6.24 -20.81
N SER C 29 12.00 6.30 -19.49
CA SER C 29 11.40 7.47 -18.86
C SER C 29 12.20 8.04 -17.70
N LEU C 30 12.25 9.36 -17.66
CA LEU C 30 12.70 10.11 -16.50
C LEU C 30 11.63 11.14 -16.21
N PHE C 31 11.58 11.58 -14.95
CA PHE C 31 10.54 12.50 -14.54
C PHE C 31 11.16 13.78 -14.01
N GLY C 32 10.53 14.91 -14.35
CA GLY C 32 10.97 16.20 -13.84
C GLY C 32 12.24 16.78 -14.44
N GLN C 33 12.48 16.56 -15.73
CA GLN C 33 13.69 17.10 -16.35
C GLN C 33 13.51 18.52 -16.88
N GLN C 34 14.57 19.32 -16.78
CA GLN C 34 14.51 20.72 -17.18
C GLN C 34 15.56 21.03 -18.25
N MET C 35 15.21 21.92 -19.18
CA MET C 35 16.11 22.37 -20.23
C MET C 35 16.06 23.89 -20.30
N ARG C 36 17.18 24.51 -20.65
CA ARG C 36 17.23 25.94 -20.59
C ARG C 36 17.96 26.48 -21.81
N TYR C 37 17.35 27.43 -22.50
CA TYR C 37 17.94 28.07 -23.68
C TYR C 37 18.01 29.57 -23.50
N ASP C 38 19.19 30.13 -23.68
CA ASP C 38 19.38 31.58 -23.75
C ASP C 38 19.01 32.02 -25.16
N LEU C 39 17.84 32.63 -25.31
CA LEU C 39 17.35 33.01 -26.63
C LEU C 39 18.20 34.10 -27.30
N SER C 40 18.96 34.86 -26.50
CA SER C 40 19.90 35.86 -27.02
C SER C 40 20.94 35.24 -27.93
N ALA C 41 21.28 33.98 -27.65
CA ALA C 41 22.40 33.34 -28.31
C ALA C 41 22.00 32.68 -29.62
N GLY C 42 20.70 32.53 -29.83
CA GLY C 42 20.21 31.93 -31.07
C GLY C 42 18.85 31.31 -30.90
N PHE C 43 18.20 31.03 -32.03
CA PHE C 43 16.87 30.42 -32.01
C PHE C 43 17.00 28.90 -31.92
N PRO C 44 16.41 28.30 -30.87
CA PRO C 44 16.67 26.89 -30.61
C PRO C 44 15.88 25.96 -31.53
N LEU C 45 16.04 26.17 -32.83
CA LEU C 45 15.52 25.22 -33.81
C LEU C 45 16.64 24.21 -34.08
N LEU C 46 16.42 22.97 -33.68
CA LEU C 46 17.46 21.93 -33.73
C LEU C 46 18.28 21.88 -35.05
N THR C 47 19.60 21.72 -34.91
CA THR C 47 20.47 21.56 -36.07
C THR C 47 20.92 20.12 -36.27
N THR C 48 20.71 19.27 -35.28
CA THR C 48 21.10 17.87 -35.42
C THR C 48 20.10 17.02 -36.24
N LYS C 49 18.98 17.62 -36.61
CA LYS C 49 18.08 17.06 -37.60
C LYS C 49 17.25 18.21 -38.17
N LYS C 50 16.84 18.08 -39.43
CA LYS C 50 15.96 19.08 -40.00
C LYS C 50 14.61 19.01 -39.32
N VAL C 51 14.29 20.05 -38.55
CA VAL C 51 13.01 20.16 -37.89
C VAL C 51 12.02 20.87 -38.81
N HIS C 52 10.86 20.28 -39.02
CA HIS C 52 9.88 20.85 -39.94
C HIS C 52 9.24 22.11 -39.36
N PHE C 53 9.91 23.24 -39.54
CA PHE C 53 9.47 24.49 -38.93
C PHE C 53 8.13 25.01 -39.46
N LYS C 54 7.87 24.79 -40.73
CA LYS C 54 6.59 25.14 -41.33
C LYS C 54 5.42 24.68 -40.45
N SER C 55 5.43 23.41 -40.04
CA SER C 55 4.37 22.86 -39.19
C SER C 55 4.36 23.55 -37.83
N VAL C 56 5.55 23.82 -37.31
CA VAL C 56 5.70 24.50 -36.02
C VAL C 56 5.06 25.88 -36.06
N ALA C 57 5.48 26.68 -37.03
CA ALA C 57 5.03 28.07 -37.12
C ALA C 57 3.53 28.14 -37.34
N TYR C 58 3.01 27.28 -38.23
CA TYR C 58 1.58 27.34 -38.55
C TYR C 58 0.73 26.89 -37.38
N GLU C 59 1.18 25.82 -36.71
CA GLU C 59 0.49 25.34 -35.53
C GLU C 59 0.34 26.45 -34.48
N LEU C 60 1.40 27.22 -34.27
CA LEU C 60 1.35 28.26 -33.27
C LEU C 60 0.39 29.34 -33.68
N LEU C 61 0.43 29.72 -34.95
CA LEU C 61 -0.42 30.80 -35.45
C LEU C 61 -1.89 30.40 -35.31
N TRP C 62 -2.15 29.13 -35.58
CA TRP C 62 -3.43 28.48 -35.38
C TRP C 62 -3.89 28.55 -33.91
N PHE C 63 -3.00 28.20 -32.98
CA PHE C 63 -3.26 28.40 -31.56
C PHE C 63 -3.72 29.82 -31.24
N LEU C 64 -2.93 30.81 -31.68
CA LEU C 64 -3.23 32.21 -31.43
C LEU C 64 -4.63 32.61 -31.94
N ARG C 65 -5.12 31.91 -32.94
CA ARG C 65 -6.45 32.19 -33.51
C ARG C 65 -7.60 31.70 -32.64
N GLY C 66 -7.31 30.76 -31.73
CA GLY C 66 -8.33 30.21 -30.84
C GLY C 66 -9.19 29.21 -31.55
N ASP C 67 -8.64 28.62 -32.60
CA ASP C 67 -9.40 27.79 -33.52
C ASP C 67 -9.47 26.33 -33.08
N SER C 68 -10.69 25.82 -32.97
CA SER C 68 -10.92 24.44 -32.56
C SER C 68 -10.81 23.44 -33.73
N ASN C 69 -10.94 23.96 -34.95
CA ASN C 69 -11.08 23.13 -36.14
C ASN C 69 -9.80 23.15 -36.98
N ILE C 70 -9.45 22.01 -37.57
CA ILE C 70 -8.19 21.92 -38.32
C ILE C 70 -8.21 22.59 -39.71
N GLY C 71 -9.35 23.14 -40.10
CA GLY C 71 -9.48 23.72 -41.43
C GLY C 71 -8.35 24.63 -41.82
N TRP C 72 -8.03 25.59 -40.96
CA TRP C 72 -7.03 26.60 -41.27
C TRP C 72 -5.66 25.98 -41.53
N LEU C 73 -5.40 24.81 -40.95
CA LEU C 73 -4.09 24.16 -41.07
C LEU C 73 -3.93 23.38 -42.38
N HIS C 74 -5.02 22.78 -42.84
CA HIS C 74 -5.04 22.20 -44.17
C HIS C 74 -4.88 23.29 -45.21
N GLU C 75 -5.62 24.38 -45.03
CA GLU C 75 -5.49 25.55 -45.90
C GLU C 75 -4.01 25.85 -46.18
N HIS C 76 -3.15 25.52 -45.24
CA HIS C 76 -1.74 25.87 -45.38
C HIS C 76 -0.85 24.63 -45.45
N GLY C 77 -1.45 23.47 -45.67
CA GLY C 77 -0.69 22.25 -45.95
C GLY C 77 -0.22 21.46 -44.75
N VAL C 78 -0.65 21.87 -43.55
CA VAL C 78 -0.17 21.25 -42.34
C VAL C 78 -1.10 20.12 -41.89
N THR C 79 -0.54 18.92 -41.80
CA THR C 79 -1.32 17.72 -41.55
C THR C 79 -1.04 17.06 -40.19
N ILE C 80 -0.34 17.76 -39.30
CA ILE C 80 0.09 17.12 -38.04
C ILE C 80 -1.06 16.84 -37.08
N TRP C 81 -2.19 17.51 -37.28
CA TRP C 81 -3.36 17.33 -36.43
C TRP C 81 -4.46 16.49 -37.06
N ASP C 82 -4.21 15.94 -38.25
CA ASP C 82 -5.23 15.22 -39.00
C ASP C 82 -5.76 14.01 -38.24
N GLU C 83 -4.81 13.23 -37.73
CA GLU C 83 -5.09 11.97 -37.09
C GLU C 83 -6.12 12.03 -35.94
N TRP C 84 -6.55 13.23 -35.57
CA TRP C 84 -7.38 13.38 -34.38
C TRP C 84 -8.69 14.11 -34.62
N ALA C 85 -8.77 14.82 -35.74
CA ALA C 85 -9.94 15.63 -36.03
C ALA C 85 -11.18 14.76 -36.21
N SER C 86 -12.36 15.36 -36.00
CA SER C 86 -13.60 14.68 -36.32
C SER C 86 -13.83 14.82 -37.82
N ASP C 87 -14.91 14.22 -38.33
CA ASP C 87 -15.21 14.27 -39.76
C ASP C 87 -15.55 15.69 -40.19
N THR C 88 -16.02 16.51 -39.24
CA THR C 88 -16.20 17.93 -39.51
C THR C 88 -14.88 18.66 -39.28
N GLY C 89 -13.87 17.93 -38.79
CA GLY C 89 -12.56 18.50 -38.51
C GLY C 89 -12.43 19.28 -37.21
N GLU C 90 -13.24 18.93 -36.22
CA GLU C 90 -13.19 19.61 -34.92
C GLU C 90 -12.36 18.78 -33.95
N LEU C 91 -11.79 19.45 -32.95
CA LEU C 91 -10.91 18.77 -31.99
C LEU C 91 -11.37 18.93 -30.54
N GLY C 92 -12.34 19.81 -30.31
CA GLY C 92 -12.73 20.16 -28.96
C GLY C 92 -12.05 21.46 -28.58
N PRO C 93 -12.19 21.89 -27.32
CA PRO C 93 -11.58 23.15 -26.87
C PRO C 93 -10.12 22.95 -26.47
N ILE C 94 -9.31 22.50 -27.43
CA ILE C 94 -7.88 22.32 -27.24
C ILE C 94 -7.11 23.64 -27.10
N TYR C 95 -5.80 23.50 -26.96
CA TYR C 95 -4.89 24.62 -26.69
C TYR C 95 -5.43 26.05 -26.92
N GLY C 96 -5.62 26.44 -28.19
CA GLY C 96 -5.99 27.80 -28.53
C GLY C 96 -7.33 28.28 -28.00
N VAL C 97 -8.28 27.36 -27.91
CA VAL C 97 -9.55 27.73 -27.31
C VAL C 97 -9.33 28.15 -25.86
N GLN C 98 -8.56 27.37 -25.12
CA GLN C 98 -8.21 27.71 -23.73
C GLN C 98 -7.38 28.99 -23.63
N TRP C 99 -6.42 29.16 -24.54
CA TRP C 99 -5.58 30.37 -24.55
C TRP C 99 -6.39 31.63 -24.83
N ARG C 100 -7.29 31.55 -25.80
CA ARG C 100 -8.03 32.72 -26.26
C ARG C 100 -9.36 32.92 -25.55
N SER C 101 -10.01 31.83 -25.12
CA SER C 101 -11.35 31.93 -24.56
C SER C 101 -11.68 30.88 -23.50
N TRP C 102 -10.97 30.91 -22.38
CA TRP C 102 -11.27 30.01 -21.27
C TRP C 102 -12.63 30.40 -20.68
N PRO C 103 -13.62 29.49 -20.75
CA PRO C 103 -14.96 29.82 -20.27
C PRO C 103 -14.96 30.03 -18.76
N ALA C 104 -15.28 31.24 -18.32
CA ALA C 104 -15.47 31.47 -16.89
C ALA C 104 -16.90 31.12 -16.52
N PRO C 105 -17.11 30.68 -15.25
CA PRO C 105 -18.45 30.41 -14.69
C PRO C 105 -19.43 31.56 -14.97
N SER C 106 -18.90 32.75 -15.18
CA SER C 106 -19.71 33.94 -15.43
C SER C 106 -20.35 33.97 -16.83
N GLY C 107 -20.03 32.99 -17.66
CA GLY C 107 -20.46 33.00 -19.05
C GLY C 107 -19.46 33.74 -19.92
N GLU C 108 -18.66 34.59 -19.28
CA GLU C 108 -17.61 35.35 -19.94
C GLU C 108 -16.49 34.41 -20.42
N HIS C 109 -15.75 34.82 -21.45
CA HIS C 109 -14.57 34.06 -21.87
C HIS C 109 -13.30 34.84 -21.55
N ILE C 110 -12.27 34.15 -21.07
CA ILE C 110 -11.02 34.81 -20.75
C ILE C 110 -9.99 34.62 -21.85
N ASP C 111 -9.45 35.73 -22.34
CA ASP C 111 -8.37 35.74 -23.33
C ASP C 111 -7.06 35.83 -22.56
N GLN C 112 -6.46 34.68 -22.30
CA GLN C 112 -5.27 34.61 -21.47
C GLN C 112 -4.08 35.26 -22.14
N ILE C 113 -4.01 35.16 -23.47
CA ILE C 113 -2.94 35.77 -24.24
C ILE C 113 -2.91 37.29 -24.06
N SER C 114 -4.05 37.95 -24.30
CA SER C 114 -4.11 39.39 -24.16
C SER C 114 -3.88 39.80 -22.71
N ALA C 115 -4.41 39.02 -21.79
CA ALA C 115 -4.22 39.31 -20.37
C ALA C 115 -2.74 39.27 -20.02
N ALA C 116 -2.05 38.25 -20.53
CA ALA C 116 -0.62 38.10 -20.31
C ALA C 116 0.16 39.25 -20.93
N LEU C 117 -0.17 39.58 -22.18
CA LEU C 117 0.51 40.67 -22.88
C LEU C 117 0.35 41.97 -22.11
N ASP C 118 -0.86 42.18 -21.63
CA ASP C 118 -1.23 43.38 -20.89
C ASP C 118 -0.40 43.55 -19.62
N LEU C 119 -0.24 42.47 -18.86
CA LEU C 119 0.61 42.46 -17.66
C LEU C 119 2.05 42.77 -18.04
N LEU C 120 2.54 42.15 -19.10
CA LEU C 120 3.88 42.42 -19.60
C LEU C 120 4.08 43.90 -19.92
N ARG C 121 3.03 44.57 -20.37
CA ARG C 121 3.13 45.98 -20.71
C ARG C 121 2.89 46.85 -19.50
N THR C 122 2.03 46.39 -18.61
CA THR C 122 1.53 47.17 -17.49
C THR C 122 2.25 46.91 -16.17
N ASP C 123 2.66 45.67 -15.96
CA ASP C 123 3.16 45.23 -14.66
C ASP C 123 4.15 44.08 -14.85
N PRO C 124 5.27 44.37 -15.52
CA PRO C 124 6.25 43.35 -15.90
C PRO C 124 6.81 42.57 -14.72
N ASP C 125 6.75 43.14 -13.52
CA ASP C 125 7.31 42.51 -12.34
C ASP C 125 6.37 41.44 -11.79
N SER C 126 5.22 41.33 -12.41
CA SER C 126 4.20 40.41 -11.95
C SER C 126 4.73 38.99 -11.92
N ARG C 127 4.38 38.24 -10.88
CA ARG C 127 4.72 36.84 -10.81
C ARG C 127 3.47 35.97 -11.05
N ARG C 128 2.47 36.56 -11.69
CA ARG C 128 1.20 35.90 -12.00
CA ARG C 128 1.26 35.81 -12.02
C ARG C 128 0.92 35.84 -13.50
N ILE C 129 1.96 35.99 -14.33
CA ILE C 129 1.77 36.05 -15.78
C ILE C 129 1.78 34.65 -16.40
N ILE C 130 0.59 34.07 -16.48
CA ILE C 130 0.44 32.65 -16.71
C ILE C 130 -0.64 32.40 -17.74
N VAL C 131 -0.37 31.45 -18.62
CA VAL C 131 -1.37 30.92 -19.51
C VAL C 131 -1.52 29.44 -19.22
N SER C 132 -2.75 28.99 -18.97
CA SER C 132 -3.00 27.57 -18.73
C SER C 132 -3.92 26.97 -19.80
N ALA C 133 -3.57 25.79 -20.28
CA ALA C 133 -4.44 25.05 -21.18
C ALA C 133 -5.15 23.94 -20.39
N TRP C 134 -4.69 23.70 -19.17
CA TRP C 134 -5.18 22.59 -18.37
C TRP C 134 -6.49 22.98 -17.69
N ASN C 135 -7.55 22.97 -18.50
CA ASN C 135 -8.90 23.26 -18.02
C ASN C 135 -9.58 21.97 -17.58
N VAL C 136 -9.52 21.69 -16.27
CA VAL C 136 -9.91 20.37 -15.73
C VAL C 136 -11.29 19.91 -16.20
N GLY C 137 -12.27 20.82 -16.16
CA GLY C 137 -13.60 20.52 -16.66
C GLY C 137 -13.76 20.22 -18.15
N GLU C 138 -12.83 20.69 -18.98
CA GLU C 138 -13.00 20.56 -20.44
C GLU C 138 -12.12 19.50 -21.12
N ILE C 139 -11.24 18.89 -20.35
CA ILE C 139 -10.28 17.95 -20.92
C ILE C 139 -10.92 16.76 -21.66
N GLU C 140 -12.09 16.32 -21.19
CA GLU C 140 -12.76 15.15 -21.74
C GLU C 140 -13.33 15.44 -23.11
N ARG C 141 -13.65 16.70 -23.36
CA ARG C 141 -14.17 17.13 -24.66
C ARG C 141 -13.07 17.22 -25.72
N MET C 142 -11.82 17.30 -25.27
CA MET C 142 -10.69 17.47 -26.17
C MET C 142 -10.33 16.14 -26.83
N ALA C 143 -9.95 16.20 -28.10
CA ALA C 143 -9.50 15.02 -28.82
C ALA C 143 -8.46 14.28 -28.01
N LEU C 144 -7.66 15.05 -27.29
CA LEU C 144 -6.76 14.48 -26.31
C LEU C 144 -6.32 15.56 -25.35
N PRO C 145 -5.79 15.18 -24.18
CA PRO C 145 -5.43 16.17 -23.15
C PRO C 145 -4.15 16.93 -23.51
N PRO C 146 -4.05 18.19 -23.07
CA PRO C 146 -2.90 19.06 -23.36
C PRO C 146 -1.58 18.49 -22.86
N CYS C 147 -0.52 18.58 -23.67
CA CYS C 147 0.81 18.15 -23.23
C CYS C 147 1.57 19.33 -22.69
N HIS C 148 1.77 20.32 -23.55
CA HIS C 148 2.34 21.58 -23.10
C HIS C 148 1.19 22.28 -22.38
N ALA C 149 1.12 22.01 -21.08
CA ALA C 149 -0.06 22.28 -20.29
C ALA C 149 -0.19 23.72 -19.85
N PHE C 150 0.94 24.37 -19.61
CA PHE C 150 0.90 25.78 -19.26
C PHE C 150 2.26 26.43 -19.08
N PHE C 151 2.26 27.75 -19.06
CA PHE C 151 3.50 28.51 -19.12
C PHE C 151 3.40 29.86 -18.41
N GLN C 152 4.56 30.36 -18.00
CA GLN C 152 4.61 31.60 -17.25
C GLN C 152 5.67 32.49 -17.88
N PHE C 153 5.43 33.80 -17.82
CA PHE C 153 6.40 34.79 -18.27
C PHE C 153 7.03 35.53 -17.09
N TYR C 154 8.20 36.08 -17.33
CA TYR C 154 8.99 36.70 -16.29
C TYR C 154 9.87 37.76 -16.94
N VAL C 155 9.95 38.92 -16.31
CA VAL C 155 10.76 39.99 -16.85
C VAL C 155 11.81 40.44 -15.85
N ALA C 156 13.04 40.55 -16.32
CA ALA C 156 14.12 41.11 -15.53
C ALA C 156 15.07 41.85 -16.46
N ASP C 157 15.33 43.11 -16.13
CA ASP C 157 16.26 43.92 -16.89
C ASP C 157 15.81 44.06 -18.34
N GLY C 158 14.51 44.19 -18.54
CA GLY C 158 13.97 44.36 -19.88
C GLY C 158 13.90 43.08 -20.70
N ARG C 159 14.38 41.96 -20.15
CA ARG C 159 14.36 40.68 -20.84
C ARG C 159 13.20 39.79 -20.41
N LEU C 160 12.44 39.32 -21.40
CA LEU C 160 11.33 38.40 -21.19
C LEU C 160 11.81 36.95 -21.23
N SER C 161 11.62 36.22 -20.13
CA SER C 161 11.82 34.77 -20.11
C SER C 161 10.48 34.04 -20.09
N CYS C 162 10.48 32.84 -20.62
CA CYS C 162 9.29 32.02 -20.58
C CYS C 162 9.60 30.65 -20.00
N GLN C 163 8.68 30.11 -19.21
CA GLN C 163 8.82 28.73 -18.74
C GLN C 163 7.60 27.91 -19.11
N LEU C 164 7.81 26.78 -19.77
CA LEU C 164 6.74 25.86 -20.12
C LEU C 164 6.73 24.67 -19.19
N TYR C 165 5.55 24.26 -18.72
CA TYR C 165 5.44 22.98 -18.03
C TYR C 165 4.77 21.97 -18.95
N GLN C 166 5.47 20.90 -19.28
CA GLN C 166 4.95 19.92 -20.21
C GLN C 166 4.85 18.57 -19.52
N ARG C 167 3.61 18.12 -19.31
CA ARG C 167 3.35 16.94 -18.48
C ARG C 167 3.87 15.66 -19.09
N SER C 168 3.90 15.63 -20.43
CA SER C 168 4.27 14.43 -21.19
C SER C 168 5.13 14.86 -22.36
N ALA C 169 6.25 14.16 -22.56
CA ALA C 169 7.19 14.61 -23.58
C ALA C 169 7.81 13.47 -24.37
N ASP C 170 7.35 13.34 -25.62
CA ASP C 170 7.95 12.48 -26.62
C ASP C 170 9.24 13.15 -27.05
N LEU C 171 10.34 12.70 -26.49
CA LEU C 171 11.60 13.41 -26.68
C LEU C 171 12.07 13.46 -28.12
N PHE C 172 11.87 12.38 -28.87
CA PHE C 172 12.32 12.39 -30.25
C PHE C 172 11.40 13.18 -31.17
N LEU C 173 10.08 12.94 -31.11
CA LEU C 173 9.15 13.54 -32.07
C LEU C 173 8.49 14.86 -31.64
N GLY C 174 8.10 14.94 -30.37
CA GLY C 174 7.33 16.09 -29.91
C GLY C 174 8.16 17.27 -29.48
N VAL C 175 9.12 17.02 -28.58
CA VAL C 175 9.88 18.09 -27.93
C VAL C 175 10.60 19.05 -28.88
N PRO C 176 11.17 18.55 -29.99
CA PRO C 176 11.76 19.52 -30.91
C PRO C 176 10.76 20.60 -31.32
N PHE C 177 9.50 20.23 -31.58
CA PHE C 177 8.45 21.19 -31.89
C PHE C 177 8.15 22.13 -30.71
N ASN C 178 7.98 21.53 -29.52
CA ASN C 178 7.61 22.30 -28.34
C ASN C 178 8.59 23.44 -28.08
N ILE C 179 9.89 23.13 -28.17
CA ILE C 179 10.96 24.13 -28.00
C ILE C 179 10.83 25.27 -29.01
N ALA C 180 10.76 24.92 -30.30
CA ALA C 180 10.74 25.92 -31.36
C ALA C 180 9.47 26.77 -31.30
N SER C 181 8.36 26.10 -30.99
CA SER C 181 7.06 26.77 -30.85
C SER C 181 7.06 27.80 -29.72
N TYR C 182 7.48 27.40 -28.52
CA TYR C 182 7.47 28.33 -27.38
C TYR C 182 8.59 29.36 -27.46
N ALA C 183 9.72 28.99 -28.08
CA ALA C 183 10.73 29.97 -28.41
C ALA C 183 10.13 31.05 -29.32
N LEU C 184 9.43 30.63 -30.37
CA LEU C 184 8.79 31.57 -31.27
C LEU C 184 7.76 32.45 -30.56
N LEU C 185 6.90 31.84 -29.75
CA LEU C 185 5.90 32.59 -29.00
C LEU C 185 6.52 33.65 -28.07
N THR C 186 7.69 33.35 -27.49
CA THR C 186 8.38 34.28 -26.62
C THR C 186 8.90 35.51 -27.39
N HIS C 187 9.40 35.27 -28.60
CA HIS C 187 9.82 36.35 -29.48
C HIS C 187 8.68 37.31 -29.82
N MET C 188 7.52 36.74 -30.16
CA MET C 188 6.32 37.53 -30.43
C MET C 188 5.89 38.36 -29.21
N MET C 189 5.79 37.69 -28.06
CA MET C 189 5.41 38.38 -26.83
C MET C 189 6.41 39.49 -26.49
N ALA C 190 7.69 39.16 -26.51
CA ALA C 190 8.72 40.16 -26.31
C ALA C 190 8.57 41.38 -27.24
N ALA C 191 8.37 41.12 -28.54
CA ALA C 191 8.22 42.22 -29.52
C ALA C 191 6.96 43.03 -29.25
N GLN C 192 5.84 42.36 -29.00
CA GLN C 192 4.61 43.06 -28.72
C GLN C 192 4.68 43.87 -27.43
N ALA C 193 5.64 43.55 -26.58
CA ALA C 193 5.74 44.16 -25.25
C ALA C 193 6.90 45.15 -25.19
N GLY C 194 7.68 45.20 -26.27
CA GLY C 194 8.81 46.10 -26.33
C GLY C 194 9.97 45.61 -25.48
N LEU C 195 10.15 44.29 -25.42
CA LEU C 195 11.18 43.70 -24.58
C LEU C 195 12.18 42.93 -25.43
N SER C 196 13.35 42.65 -24.86
CA SER C 196 14.28 41.69 -25.44
C SER C 196 13.89 40.28 -25.04
N VAL C 197 14.51 39.30 -25.67
CA VAL C 197 14.29 37.92 -25.30
C VAL C 197 15.30 37.49 -24.24
N GLY C 198 14.82 36.81 -23.22
CA GLY C 198 15.69 36.26 -22.18
C GLY C 198 15.84 34.77 -22.39
N GLU C 199 15.38 34.01 -21.40
CA GLU C 199 15.51 32.55 -21.46
C GLU C 199 14.21 31.86 -21.77
N PHE C 200 14.33 30.70 -22.39
CA PHE C 200 13.22 29.76 -22.47
C PHE C 200 13.60 28.56 -21.64
N ILE C 201 12.77 28.27 -20.63
CA ILE C 201 13.00 27.14 -19.75
C ILE C 201 11.92 26.11 -20.00
N TRP C 202 12.35 24.90 -20.34
CA TRP C 202 11.44 23.81 -20.61
C TRP C 202 11.46 22.88 -19.40
N THR C 203 10.31 22.65 -18.79
CA THR C 203 10.23 21.73 -17.67
C THR C 203 9.23 20.64 -17.98
N GLY C 204 9.70 19.39 -17.94
CA GLY C 204 8.84 18.27 -18.28
C GLY C 204 8.41 17.38 -17.13
N GLY C 205 7.31 16.67 -17.34
CA GLY C 205 6.87 15.64 -16.43
C GLY C 205 7.47 14.31 -16.82
N ASP C 206 6.65 13.44 -17.39
CA ASP C 206 7.13 12.18 -17.95
C ASP C 206 7.94 12.42 -19.23
N CYS C 207 9.27 12.34 -19.14
CA CYS C 207 10.13 12.60 -20.30
C CYS C 207 10.64 11.28 -20.87
N HIS C 208 10.14 10.92 -22.05
CA HIS C 208 10.33 9.56 -22.57
C HIS C 208 10.81 9.47 -24.02
N ILE C 209 11.62 8.45 -24.29
CA ILE C 209 11.95 8.05 -25.65
C ILE C 209 11.21 6.75 -25.95
N TYR C 210 10.43 6.73 -27.02
CA TYR C 210 9.76 5.49 -27.41
C TYR C 210 10.77 4.43 -27.90
N ASP C 211 10.51 3.18 -27.53
CA ASP C 211 11.40 2.08 -27.87
C ASP C 211 11.64 1.98 -29.39
N ASN C 212 10.67 2.42 -30.17
CA ASN C 212 10.82 2.34 -31.62
C ASN C 212 11.57 3.55 -32.22
N HIS C 213 12.18 4.35 -31.36
CA HIS C 213 12.90 5.55 -31.77
C HIS C 213 14.38 5.52 -31.38
N VAL C 214 14.81 4.42 -30.77
CA VAL C 214 16.17 4.33 -30.28
C VAL C 214 17.23 4.49 -31.38
N GLU C 215 17.07 3.78 -32.49
CA GLU C 215 18.04 3.91 -33.58
C GLU C 215 18.07 5.32 -34.17
N GLN C 216 16.91 5.96 -34.27
CA GLN C 216 16.84 7.33 -34.80
C GLN C 216 17.52 8.29 -33.84
N VAL C 217 17.36 8.00 -32.54
CA VAL C 217 17.92 8.84 -31.49
C VAL C 217 19.42 8.72 -31.48
N ARG C 218 19.92 7.52 -31.78
CA ARG C 218 21.36 7.30 -31.80
C ARG C 218 22.01 8.00 -33.01
N LEU C 219 21.32 7.98 -34.14
CA LEU C 219 21.76 8.68 -35.33
C LEU C 219 21.92 10.17 -35.04
N GLN C 220 20.87 10.74 -34.45
CA GLN C 220 20.89 12.14 -34.09
C GLN C 220 22.07 12.47 -33.16
N LEU C 221 22.35 11.57 -32.20
CA LEU C 221 23.39 11.83 -31.21
C LEU C 221 24.83 11.69 -31.73
N SER C 222 25.00 11.07 -32.90
CA SER C 222 26.34 10.92 -33.47
C SER C 222 26.68 12.14 -34.31
N ARG C 223 25.70 13.03 -34.46
CA ARG C 223 25.87 14.22 -35.24
C ARG C 223 26.41 15.42 -34.44
N GLU C 224 27.46 16.04 -34.97
CA GLU C 224 27.99 17.28 -34.41
C GLU C 224 27.00 18.45 -34.56
N PRO C 225 26.66 19.07 -33.43
CA PRO C 225 25.75 20.22 -33.44
C PRO C 225 26.34 21.42 -34.13
N ARG C 226 25.50 22.20 -34.80
CA ARG C 226 25.91 23.38 -35.52
C ARG C 226 25.32 24.62 -34.86
N PRO C 227 25.89 25.79 -35.12
CA PRO C 227 25.33 27.01 -34.58
C PRO C 227 23.85 27.20 -34.97
N TYR C 228 23.04 27.67 -34.03
CA TYR C 228 21.62 27.86 -34.28
C TYR C 228 21.40 28.99 -35.27
N PRO C 229 20.26 28.95 -35.95
CA PRO C 229 19.81 30.04 -36.82
C PRO C 229 19.36 31.24 -35.98
N LYS C 230 18.98 32.32 -36.65
CA LYS C 230 18.48 33.52 -35.99
C LYS C 230 17.06 33.77 -36.46
N LEU C 231 16.22 34.27 -35.57
CA LEU C 231 14.82 34.47 -35.88
C LEU C 231 14.55 35.96 -36.05
N LEU C 232 13.89 36.30 -37.14
CA LEU C 232 13.53 37.68 -37.41
C LEU C 232 12.03 37.80 -37.61
N LEU C 233 11.43 38.69 -36.83
CA LEU C 233 10.00 38.91 -36.89
C LEU C 233 9.73 40.26 -37.53
N ALA C 234 9.01 40.26 -38.64
CA ALA C 234 8.56 41.52 -39.22
C ALA C 234 7.68 42.23 -38.20
N ASP C 235 7.62 43.56 -38.27
CA ASP C 235 6.79 44.35 -37.34
C ASP C 235 5.30 44.08 -37.48
N ARG C 236 4.59 44.13 -36.36
CA ARG C 236 3.14 44.13 -36.38
C ARG C 236 2.62 44.85 -35.15
N ASP C 237 1.34 45.24 -35.21
CA ASP C 237 0.72 46.06 -34.17
C ASP C 237 0.12 45.20 -33.06
N SER C 238 0.05 43.90 -33.32
CA SER C 238 -0.66 43.00 -32.44
C SER C 238 -0.20 41.58 -32.66
N ILE C 239 -0.06 40.83 -31.57
CA ILE C 239 0.38 39.43 -31.65
C ILE C 239 -0.51 38.60 -32.56
N PHE C 240 -1.79 38.94 -32.62
CA PHE C 240 -2.72 38.21 -33.48
C PHE C 240 -2.61 38.50 -34.97
N GLU C 241 -1.83 39.51 -35.36
CA GLU C 241 -1.70 39.84 -36.78
C GLU C 241 -0.45 39.28 -37.48
N TYR C 242 0.45 38.66 -36.72
CA TYR C 242 1.59 38.00 -37.35
C TYR C 242 1.10 36.97 -38.35
N THR C 243 1.90 36.75 -39.39
CA THR C 243 1.62 35.75 -40.40
C THR C 243 2.86 34.89 -40.57
N TYR C 244 2.71 33.80 -41.31
CA TYR C 244 3.83 32.91 -41.59
C TYR C 244 4.98 33.69 -42.24
N GLU C 245 4.65 34.60 -43.14
CA GLU C 245 5.66 35.33 -43.90
C GLU C 245 6.41 36.33 -43.04
N ASP C 246 5.89 36.63 -41.84
CA ASP C 246 6.54 37.57 -40.94
C ASP C 246 7.72 36.91 -40.23
N ILE C 247 7.79 35.60 -40.37
CA ILE C 247 8.67 34.79 -39.56
C ILE C 247 9.78 34.19 -40.40
N VAL C 248 10.95 34.82 -40.38
CA VAL C 248 12.07 34.27 -41.14
C VAL C 248 13.16 33.73 -40.22
N VAL C 249 13.50 32.47 -40.46
CA VAL C 249 14.57 31.81 -39.75
C VAL C 249 15.79 31.86 -40.64
N LYS C 250 16.70 32.76 -40.30
CA LYS C 250 17.91 32.99 -41.07
C LYS C 250 19.02 32.03 -40.66
N ASN C 251 19.77 31.50 -41.63
CA ASN C 251 21.00 30.75 -41.36
C ASN C 251 20.79 29.39 -40.75
N TYR C 252 19.71 28.74 -41.14
CA TYR C 252 19.38 27.43 -40.65
C TYR C 252 20.06 26.35 -41.49
N ASP C 253 20.99 25.63 -40.88
CA ASP C 253 21.83 24.71 -41.62
C ASP C 253 21.87 23.34 -40.98
N PRO C 254 20.69 22.72 -40.81
CA PRO C 254 20.61 21.44 -40.08
C PRO C 254 21.17 20.25 -40.86
N HIS C 255 21.47 19.18 -40.14
CA HIS C 255 21.68 17.88 -40.73
C HIS C 255 20.35 17.41 -41.32
N PRO C 256 20.39 16.37 -42.17
CA PRO C 256 19.21 15.81 -42.86
C PRO C 256 18.08 15.50 -41.89
N ALA C 257 16.83 15.63 -42.32
CA ALA C 257 15.72 15.22 -41.50
C ALA C 257 15.85 13.73 -41.15
N ILE C 258 15.16 13.32 -40.10
CA ILE C 258 15.12 11.92 -39.67
C ILE C 258 13.67 11.49 -39.60
N LYS C 259 13.27 10.65 -40.55
CA LYS C 259 11.87 10.25 -40.70
C LYS C 259 11.30 9.63 -39.43
N ALA C 260 10.13 10.09 -39.02
CA ALA C 260 9.40 9.43 -37.94
C ALA C 260 8.99 8.04 -38.42
N PRO C 261 9.53 7.00 -37.77
CA PRO C 261 9.29 5.61 -38.15
C PRO C 261 7.82 5.23 -38.07
N VAL C 262 7.45 4.10 -38.67
CA VAL C 262 6.08 3.64 -38.67
C VAL C 262 5.85 2.54 -37.64
N SER D 1 -11.89 0.35 25.53
CA SER D 1 -13.25 -0.17 25.41
C SER D 1 -13.30 -1.71 25.37
N MET D 2 -12.95 -2.28 24.22
CA MET D 2 -12.92 -3.74 24.04
C MET D 2 -11.73 -4.39 24.76
N THR D 3 -11.96 -5.55 25.33
CA THR D 3 -10.97 -6.12 26.25
C THR D 3 -10.87 -7.65 26.14
N PRO D 4 -10.61 -8.16 24.93
CA PRO D 4 -10.60 -9.59 24.60
C PRO D 4 -9.63 -10.42 25.45
N TYR D 5 -8.39 -9.96 25.56
CA TYR D 5 -7.43 -10.63 26.43
C TYR D 5 -7.91 -10.75 27.89
N GLU D 6 -8.33 -9.63 28.48
CA GLU D 6 -8.74 -9.60 29.87
C GLU D 6 -9.94 -10.49 30.12
N ASP D 7 -10.89 -10.48 29.19
CA ASP D 7 -12.08 -11.33 29.31
C ASP D 7 -11.70 -12.80 29.38
N LEU D 8 -10.78 -13.20 28.50
CA LEU D 8 -10.37 -14.58 28.41
C LEU D 8 -9.59 -14.96 29.65
N LEU D 9 -8.76 -14.05 30.11
CA LEU D 9 -8.00 -14.23 31.33
C LEU D 9 -8.96 -14.49 32.49
N ARG D 10 -10.02 -13.69 32.56
CA ARG D 10 -11.03 -13.84 33.61
C ARG D 10 -11.78 -15.17 33.50
N PHE D 11 -12.13 -15.55 32.26
CA PHE D 11 -12.85 -16.78 31.97
C PHE D 11 -12.03 -18.02 32.36
N VAL D 12 -10.73 -18.01 32.05
CA VAL D 12 -9.87 -19.16 32.38
C VAL D 12 -9.65 -19.23 33.88
N LEU D 13 -9.45 -18.07 34.50
CA LEU D 13 -9.30 -17.99 35.95
C LEU D 13 -10.51 -18.57 36.68
N GLU D 14 -11.71 -18.29 36.17
CA GLU D 14 -12.96 -18.67 36.84
C GLU D 14 -13.54 -20.02 36.40
N THR D 15 -13.11 -20.53 35.25
CA THR D 15 -13.66 -21.77 34.70
C THR D 15 -12.59 -22.83 34.47
N GLY D 16 -11.34 -22.40 34.51
CA GLY D 16 -10.22 -23.28 34.18
C GLY D 16 -10.17 -24.56 34.98
N THR D 17 -9.73 -25.63 34.33
CA THR D 17 -9.54 -26.92 34.96
C THR D 17 -8.14 -27.00 35.54
N PRO D 18 -8.04 -27.40 36.82
CA PRO D 18 -6.75 -27.55 37.52
C PRO D 18 -5.94 -28.68 36.93
N LYS D 19 -4.65 -28.45 36.70
CA LYS D 19 -3.76 -29.51 36.23
C LYS D 19 -2.67 -29.74 37.29
N SER D 20 -1.46 -30.07 36.82
CA SER D 20 -0.31 -30.28 37.72
C SER D 20 0.93 -30.74 36.96
N GLY D 24 6.49 -30.34 39.53
CA GLY D 24 6.74 -28.91 39.32
C GLY D 24 5.49 -28.06 39.60
N THR D 25 5.25 -27.05 38.77
CA THR D 25 4.17 -26.08 38.98
C THR D 25 2.82 -26.51 38.39
N GLY D 26 1.74 -26.00 38.97
CA GLY D 26 0.40 -26.32 38.51
C GLY D 26 -0.20 -25.23 37.63
N THR D 27 -1.37 -25.52 37.08
CA THR D 27 -2.08 -24.57 36.22
C THR D 27 -3.56 -24.77 36.33
N ARG D 28 -4.33 -23.72 36.06
CA ARG D 28 -5.69 -23.94 35.64
C ARG D 28 -5.75 -23.61 34.15
N SER D 29 -6.63 -24.27 33.42
CA SER D 29 -6.50 -24.28 31.98
C SER D 29 -7.78 -24.59 31.24
N LEU D 30 -7.90 -24.01 30.04
CA LEU D 30 -8.98 -24.31 29.12
C LEU D 30 -8.40 -24.59 27.75
N PHE D 31 -9.12 -25.36 26.95
CA PHE D 31 -8.61 -25.78 25.64
C PHE D 31 -9.40 -25.15 24.49
N GLY D 32 -8.67 -24.61 23.51
CA GLY D 32 -9.29 -24.10 22.30
C GLY D 32 -10.03 -22.79 22.48
N GLN D 33 -9.31 -21.75 22.88
CA GLN D 33 -9.97 -20.46 23.10
C GLN D 33 -9.54 -19.44 22.06
N GLN D 34 -10.44 -18.51 21.77
CA GLN D 34 -10.25 -17.57 20.68
C GLN D 34 -10.39 -16.14 21.18
N MET D 35 -9.79 -15.22 20.44
CA MET D 35 -9.63 -13.85 20.89
C MET D 35 -9.54 -13.05 19.61
N ARG D 36 -10.17 -11.88 19.59
CA ARG D 36 -10.35 -11.16 18.35
C ARG D 36 -10.19 -9.67 18.59
N TYR D 37 -9.23 -9.07 17.88
CA TYR D 37 -9.00 -7.62 17.93
C TYR D 37 -9.24 -6.95 16.59
N ASP D 38 -9.98 -5.83 16.61
CA ASP D 38 -10.09 -4.99 15.42
C ASP D 38 -8.94 -3.99 15.42
N LEU D 39 -7.87 -4.31 14.69
CA LEU D 39 -6.66 -3.52 14.69
C LEU D 39 -6.88 -2.06 14.26
N SER D 40 -7.94 -1.81 13.51
CA SER D 40 -8.26 -0.43 13.13
C SER D 40 -8.69 0.41 14.33
N ALA D 41 -9.01 -0.26 15.43
CA ALA D 41 -9.54 0.41 16.60
C ALA D 41 -8.46 0.71 17.64
N GLY D 42 -7.23 0.28 17.36
CA GLY D 42 -6.15 0.45 18.31
C GLY D 42 -5.15 -0.68 18.30
N PHE D 43 -3.91 -0.37 18.61
CA PHE D 43 -2.87 -1.38 18.68
C PHE D 43 -2.96 -2.06 20.04
N PRO D 44 -3.12 -3.40 20.05
CA PRO D 44 -3.42 -4.18 21.25
C PRO D 44 -2.21 -4.48 22.15
N LEU D 45 -1.47 -3.44 22.52
CA LEU D 45 -0.50 -3.52 23.60
C LEU D 45 -1.32 -3.20 24.84
N LEU D 46 -1.29 -4.08 25.83
CA LEU D 46 -2.25 -3.99 26.94
C LEU D 46 -2.04 -2.73 27.75
N THR D 47 -3.13 -2.18 28.28
CA THR D 47 -3.04 -0.98 29.10
C THR D 47 -3.30 -1.29 30.57
N THR D 48 -3.85 -2.47 30.84
CA THR D 48 -4.11 -2.88 32.21
C THR D 48 -2.80 -3.21 32.96
N LYS D 49 -1.70 -3.20 32.22
CA LYS D 49 -0.39 -3.39 32.80
C LYS D 49 0.63 -3.04 31.71
N LYS D 50 1.75 -2.45 32.11
CA LYS D 50 2.75 -2.04 31.15
C LYS D 50 3.42 -3.27 30.52
N VAL D 51 3.38 -3.34 29.18
CA VAL D 51 4.06 -4.39 28.43
C VAL D 51 5.29 -3.82 27.74
N HIS D 52 6.42 -4.50 27.88
CA HIS D 52 7.70 -3.99 27.35
C HIS D 52 7.86 -4.24 25.85
N PHE D 53 7.54 -3.22 25.06
CA PHE D 53 7.46 -3.37 23.61
C PHE D 53 8.84 -3.48 22.92
N LYS D 54 9.88 -2.90 23.51
CA LYS D 54 11.21 -2.98 22.93
C LYS D 54 11.58 -4.44 22.63
N SER D 55 11.32 -5.32 23.58
CA SER D 55 11.62 -6.73 23.37
C SER D 55 10.66 -7.44 22.38
N VAL D 56 9.39 -7.03 22.33
CA VAL D 56 8.51 -7.57 21.31
C VAL D 56 9.02 -7.21 19.90
N ALA D 57 9.32 -5.93 19.70
CA ALA D 57 9.68 -5.45 18.37
C ALA D 57 10.98 -6.08 17.85
N TYR D 58 12.04 -6.08 18.67
CA TYR D 58 13.31 -6.62 18.22
C TYR D 58 13.23 -8.12 17.96
N GLU D 59 12.47 -8.83 18.78
CA GLU D 59 12.28 -10.26 18.55
C GLU D 59 11.63 -10.53 17.19
N LEU D 60 10.58 -9.78 16.86
CA LEU D 60 9.92 -9.96 15.57
C LEU D 60 10.85 -9.64 14.40
N LEU D 61 11.65 -8.58 14.57
CA LEU D 61 12.60 -8.19 13.52
C LEU D 61 13.66 -9.30 13.36
N TRP D 62 14.03 -9.89 14.48
CA TRP D 62 14.97 -10.99 14.54
C TRP D 62 14.39 -12.18 13.74
N PHE D 63 13.16 -12.58 14.08
CA PHE D 63 12.47 -13.64 13.34
C PHE D 63 12.52 -13.37 11.84
N LEU D 64 12.20 -12.14 11.46
CA LEU D 64 12.15 -11.74 10.07
C LEU D 64 13.53 -11.88 9.41
N ARG D 65 14.56 -11.93 10.24
CA ARG D 65 15.95 -11.98 9.78
C ARG D 65 16.29 -13.37 9.29
N GLY D 66 15.62 -14.37 9.87
CA GLY D 66 15.92 -15.77 9.58
C GLY D 66 17.00 -16.29 10.50
N ASP D 67 17.29 -15.51 11.54
CA ASP D 67 18.42 -15.78 12.44
C ASP D 67 18.20 -16.97 13.38
N SER D 68 19.20 -17.83 13.45
CA SER D 68 19.19 -18.95 14.38
C SER D 68 19.96 -18.60 15.65
N ASN D 69 20.72 -17.51 15.60
CA ASN D 69 21.61 -17.12 16.69
C ASN D 69 21.15 -15.85 17.41
N ILE D 70 21.21 -15.86 18.73
CA ILE D 70 20.76 -14.71 19.54
C ILE D 70 21.67 -13.48 19.44
N GLY D 71 22.75 -13.59 18.66
CA GLY D 71 23.72 -12.53 18.54
C GLY D 71 23.14 -11.15 18.27
N TRP D 72 22.32 -11.06 17.23
CA TRP D 72 21.74 -9.79 16.82
C TRP D 72 20.82 -9.23 17.91
N LEU D 73 20.19 -10.11 18.67
CA LEU D 73 19.37 -9.68 19.79
C LEU D 73 20.24 -9.06 20.88
N HIS D 74 21.37 -9.69 21.16
CA HIS D 74 22.30 -9.18 22.15
C HIS D 74 22.84 -7.81 21.77
N GLU D 75 23.19 -7.66 20.50
CA GLU D 75 23.66 -6.38 19.98
C GLU D 75 22.67 -5.27 20.32
N HIS D 76 21.47 -5.64 20.78
CA HIS D 76 20.44 -4.65 21.06
C HIS D 76 19.89 -4.71 22.48
N GLY D 77 20.52 -5.51 23.34
CA GLY D 77 20.13 -5.56 24.74
C GLY D 77 18.92 -6.42 24.99
N VAL D 78 18.60 -7.31 24.06
CA VAL D 78 17.47 -8.19 24.22
C VAL D 78 17.92 -9.56 24.73
N THR D 79 17.37 -9.97 25.86
CA THR D 79 17.85 -11.14 26.58
C THR D 79 16.81 -12.26 26.73
N ILE D 80 15.65 -12.07 26.10
CA ILE D 80 14.52 -12.98 26.32
C ILE D 80 14.79 -14.42 25.88
N TRP D 81 15.75 -14.60 24.99
CA TRP D 81 16.11 -15.93 24.50
C TRP D 81 17.40 -16.47 25.13
N ASP D 82 18.05 -15.64 25.95
CA ASP D 82 19.32 -16.02 26.58
C ASP D 82 19.27 -17.34 27.35
N GLU D 83 18.19 -17.55 28.09
CA GLU D 83 18.06 -18.77 28.88
C GLU D 83 18.19 -20.06 28.05
N TRP D 84 17.78 -20.02 26.78
CA TRP D 84 17.71 -21.25 25.99
C TRP D 84 18.88 -21.45 25.02
N ALA D 85 19.69 -20.43 24.82
CA ALA D 85 20.75 -20.48 23.83
C ALA D 85 21.85 -21.45 24.23
N SER D 86 22.58 -21.97 23.23
CA SER D 86 23.71 -22.84 23.52
C SER D 86 24.86 -21.95 23.96
N ASP D 87 26.00 -22.58 24.26
CA ASP D 87 27.19 -21.83 24.61
C ASP D 87 27.64 -20.93 23.47
N THR D 88 27.16 -21.23 22.26
CA THR D 88 27.53 -20.45 21.09
C THR D 88 26.41 -19.48 20.68
N GLY D 89 25.32 -19.45 21.46
CA GLY D 89 24.21 -18.56 21.18
C GLY D 89 23.27 -19.06 20.10
N GLU D 90 23.33 -20.36 19.84
CA GLU D 90 22.48 -20.98 18.83
C GLU D 90 21.22 -21.57 19.48
N LEU D 91 20.11 -21.57 18.75
CA LEU D 91 18.85 -22.05 19.29
C LEU D 91 18.25 -23.21 18.49
N GLY D 92 18.80 -23.45 17.31
CA GLY D 92 18.23 -24.45 16.42
C GLY D 92 17.35 -23.79 15.37
N PRO D 93 16.74 -24.60 14.49
CA PRO D 93 15.95 -24.00 13.41
C PRO D 93 14.58 -23.53 13.87
N ILE D 94 14.54 -22.52 14.74
CA ILE D 94 13.29 -22.01 15.30
C ILE D 94 12.59 -21.00 14.40
N TYR D 95 11.44 -20.52 14.90
CA TYR D 95 10.56 -19.59 14.19
C TYR D 95 11.10 -19.00 12.89
N GLY D 96 12.05 -18.07 13.02
CA GLY D 96 12.60 -17.36 11.89
C GLY D 96 13.22 -18.24 10.82
N VAL D 97 13.91 -19.30 11.25
CA VAL D 97 14.56 -20.20 10.30
C VAL D 97 13.54 -20.91 9.42
N GLN D 98 12.40 -21.26 10.01
CA GLN D 98 11.31 -21.88 9.27
C GLN D 98 10.53 -20.85 8.44
N TRP D 99 10.31 -19.67 9.00
CA TRP D 99 9.62 -18.62 8.26
C TRP D 99 10.36 -18.26 6.98
N ARG D 100 11.68 -18.19 7.05
CA ARG D 100 12.46 -17.66 5.93
C ARG D 100 13.08 -18.75 5.08
N SER D 101 13.28 -19.93 5.66
CA SER D 101 14.06 -20.97 5.02
C SER D 101 13.65 -22.39 5.37
N TRP D 102 12.35 -22.66 5.34
CA TRP D 102 11.86 -24.00 5.59
C TRP D 102 12.60 -24.93 4.64
N PRO D 103 13.42 -25.82 5.20
CA PRO D 103 14.23 -26.67 4.32
C PRO D 103 13.42 -27.79 3.67
N ALA D 104 13.04 -27.57 2.42
CA ALA D 104 12.38 -28.59 1.62
C ALA D 104 13.29 -29.80 1.37
N PRO D 105 12.70 -30.99 1.21
CA PRO D 105 13.45 -32.23 0.91
C PRO D 105 14.32 -32.11 -0.33
N SER D 106 13.85 -31.35 -1.32
CA SER D 106 14.58 -31.13 -2.57
C SER D 106 15.92 -30.43 -2.38
N GLY D 107 16.13 -29.81 -1.22
CA GLY D 107 17.36 -29.08 -0.96
C GLY D 107 17.13 -27.58 -1.02
N GLU D 108 15.95 -27.20 -1.51
CA GLU D 108 15.51 -25.81 -1.53
C GLU D 108 15.11 -25.31 -0.14
N HIS D 109 15.13 -23.99 0.04
CA HIS D 109 14.65 -23.39 1.27
C HIS D 109 13.49 -22.46 0.95
N ILE D 110 12.33 -22.72 1.56
CA ILE D 110 11.14 -21.92 1.27
C ILE D 110 11.06 -20.69 2.17
N ASP D 111 10.98 -19.53 1.53
CA ASP D 111 10.71 -18.27 2.21
C ASP D 111 9.20 -18.11 2.29
N GLN D 112 8.61 -18.53 3.40
CA GLN D 112 7.15 -18.47 3.58
C GLN D 112 6.65 -17.03 3.65
N ILE D 113 7.41 -16.17 4.31
CA ILE D 113 7.05 -14.75 4.43
C ILE D 113 6.90 -14.07 3.06
N SER D 114 7.89 -14.27 2.19
CA SER D 114 7.81 -13.72 0.83
C SER D 114 6.68 -14.38 0.05
N ALA D 115 6.55 -15.70 0.17
CA ALA D 115 5.48 -16.40 -0.53
C ALA D 115 4.12 -15.83 -0.13
N ALA D 116 3.94 -15.55 1.15
CA ALA D 116 2.67 -14.98 1.63
C ALA D 116 2.44 -13.59 1.06
N LEU D 117 3.51 -12.81 1.00
CA LEU D 117 3.44 -11.46 0.46
C LEU D 117 3.04 -11.47 -1.02
N ASP D 118 3.63 -12.37 -1.79
CA ASP D 118 3.32 -12.48 -3.22
C ASP D 118 1.85 -12.78 -3.42
N LEU D 119 1.35 -13.75 -2.65
CA LEU D 119 -0.05 -14.12 -2.67
C LEU D 119 -0.93 -12.93 -2.31
N LEU D 120 -0.54 -12.19 -1.27
CA LEU D 120 -1.33 -11.04 -0.86
C LEU D 120 -1.43 -10.00 -1.96
N ARG D 121 -0.36 -9.87 -2.73
CA ARG D 121 -0.30 -8.88 -3.80
C ARG D 121 -0.93 -9.37 -5.11
N THR D 122 -0.75 -10.65 -5.43
CA THR D 122 -1.24 -11.18 -6.70
C THR D 122 -2.57 -11.93 -6.59
N ASP D 123 -2.82 -12.50 -5.43
CA ASP D 123 -3.97 -13.38 -5.26
C ASP D 123 -4.52 -13.31 -3.84
N PRO D 124 -4.93 -12.10 -3.41
CA PRO D 124 -5.39 -11.82 -2.05
C PRO D 124 -6.55 -12.70 -1.57
N ASP D 125 -7.34 -13.26 -2.49
CA ASP D 125 -8.49 -14.04 -2.06
C ASP D 125 -8.14 -15.50 -1.78
N SER D 126 -6.86 -15.81 -1.96
CA SER D 126 -6.36 -17.17 -1.75
C SER D 126 -6.62 -17.62 -0.32
N ARG D 127 -6.91 -18.90 -0.15
CA ARG D 127 -7.21 -19.46 1.15
C ARG D 127 -6.03 -20.31 1.59
N ARG D 128 -4.88 -20.02 1.01
CA ARG D 128 -3.69 -20.83 1.26
CA ARG D 128 -3.64 -20.79 1.15
C ARG D 128 -2.54 -19.95 1.75
N ILE D 129 -2.86 -18.73 2.19
CA ILE D 129 -1.83 -17.77 2.60
C ILE D 129 -1.35 -18.05 4.02
N ILE D 130 -0.40 -18.98 4.10
CA ILE D 130 -0.06 -19.60 5.35
C ILE D 130 1.44 -19.68 5.59
N VAL D 131 1.84 -19.38 6.83
CA VAL D 131 3.20 -19.51 7.29
C VAL D 131 3.23 -20.48 8.47
N SER D 132 3.95 -21.59 8.33
CA SER D 132 4.03 -22.56 9.42
C SER D 132 5.44 -22.64 9.98
N ALA D 133 5.54 -22.61 11.30
CA ALA D 133 6.79 -22.91 12.02
C ALA D 133 6.78 -24.36 12.53
N TRP D 134 5.66 -25.04 12.42
CA TRP D 134 5.57 -26.42 12.92
C TRP D 134 6.17 -27.42 11.93
N ASN D 135 7.50 -27.42 11.87
CA ASN D 135 8.22 -28.34 11.01
C ASN D 135 8.50 -29.61 11.78
N VAL D 136 7.66 -30.62 11.56
CA VAL D 136 7.73 -31.87 12.30
C VAL D 136 9.11 -32.52 12.36
N GLY D 137 9.82 -32.53 11.23
CA GLY D 137 11.10 -33.22 11.16
C GLY D 137 12.28 -32.45 11.74
N GLU D 138 12.06 -31.18 12.06
CA GLU D 138 13.13 -30.37 12.63
C GLU D 138 12.91 -29.98 14.09
N ILE D 139 11.72 -30.22 14.63
CA ILE D 139 11.41 -29.79 15.98
C ILE D 139 12.43 -30.30 16.99
N GLU D 140 12.95 -31.50 16.77
CA GLU D 140 13.90 -32.12 17.71
C GLU D 140 15.25 -31.40 17.80
N ARG D 141 15.59 -30.62 16.79
CA ARG D 141 16.80 -29.81 16.84
C ARG D 141 16.53 -28.35 17.28
N MET D 142 15.29 -28.07 17.65
CA MET D 142 14.96 -26.75 18.17
C MET D 142 15.13 -26.70 19.68
N ALA D 143 15.64 -25.59 20.18
CA ALA D 143 15.74 -25.40 21.62
C ALA D 143 14.40 -25.75 22.25
N LEU D 144 13.36 -25.04 21.81
CA LEU D 144 11.99 -25.32 22.25
C LEU D 144 11.16 -25.63 21.02
N PRO D 145 10.09 -26.41 21.20
CA PRO D 145 9.11 -26.66 20.13
C PRO D 145 8.26 -25.41 19.90
N PRO D 146 8.04 -25.02 18.64
CA PRO D 146 7.31 -23.78 18.37
C PRO D 146 6.01 -23.70 19.18
N CYS D 147 5.73 -22.51 19.68
CA CYS D 147 4.56 -22.27 20.51
C CYS D 147 3.51 -21.48 19.73
N HIS D 148 3.87 -20.32 19.21
CA HIS D 148 3.04 -19.70 18.19
C HIS D 148 3.43 -20.42 16.89
N ALA D 149 2.58 -21.33 16.47
CA ALA D 149 2.97 -22.43 15.59
C ALA D 149 2.72 -22.21 14.11
N PHE D 150 1.78 -21.34 13.78
CA PHE D 150 1.14 -21.43 12.49
C PHE D 150 0.22 -20.23 12.35
N PHE D 151 0.35 -19.50 11.24
CA PHE D 151 -0.57 -18.40 10.99
C PHE D 151 -1.01 -18.25 9.54
N GLN D 152 -2.20 -17.64 9.38
CA GLN D 152 -2.84 -17.53 8.09
C GLN D 152 -3.36 -16.11 7.88
N PHE D 153 -3.30 -15.62 6.64
CA PHE D 153 -3.76 -14.26 6.33
C PHE D 153 -5.00 -14.31 5.48
N TYR D 154 -5.78 -13.24 5.54
CA TYR D 154 -7.04 -13.19 4.82
C TYR D 154 -7.36 -11.76 4.47
N VAL D 155 -7.95 -11.55 3.30
CA VAL D 155 -8.21 -10.19 2.83
C VAL D 155 -9.67 -10.00 2.53
N ALA D 156 -10.24 -8.90 3.01
CA ALA D 156 -11.63 -8.57 2.71
C ALA D 156 -11.78 -7.06 2.61
N ASP D 157 -12.27 -6.59 1.47
CA ASP D 157 -12.47 -5.15 1.20
C ASP D 157 -11.26 -4.32 1.55
N GLY D 158 -10.09 -4.72 1.06
CA GLY D 158 -8.88 -3.96 1.26
C GLY D 158 -8.20 -4.08 2.62
N ARG D 159 -8.79 -4.82 3.55
CA ARG D 159 -8.23 -4.95 4.90
C ARG D 159 -7.67 -6.34 5.13
N LEU D 160 -6.47 -6.40 5.70
CA LEU D 160 -5.78 -7.65 5.96
C LEU D 160 -6.06 -8.19 7.38
N SER D 161 -6.46 -9.45 7.47
CA SER D 161 -6.60 -10.13 8.76
C SER D 161 -5.56 -11.23 8.94
N CYS D 162 -5.24 -11.54 10.17
CA CYS D 162 -4.28 -12.59 10.48
C CYS D 162 -4.86 -13.44 11.60
N GLN D 163 -4.83 -14.76 11.43
CA GLN D 163 -5.18 -15.63 12.53
C GLN D 163 -3.94 -16.40 12.94
N LEU D 164 -3.66 -16.41 14.24
CA LEU D 164 -2.54 -17.16 14.80
C LEU D 164 -3.07 -18.38 15.51
N TYR D 165 -2.37 -19.50 15.36
CA TYR D 165 -2.67 -20.65 16.18
C TYR D 165 -1.53 -20.82 17.18
N GLN D 166 -1.85 -20.70 18.46
CA GLN D 166 -0.86 -20.91 19.48
C GLN D 166 -1.20 -22.16 20.31
N ARG D 167 -0.33 -23.16 20.28
CA ARG D 167 -0.61 -24.47 20.86
C ARG D 167 -0.65 -24.43 22.38
N SER D 168 0.04 -23.45 22.93
CA SER D 168 0.25 -23.38 24.36
C SER D 168 0.36 -21.91 24.73
N ALA D 169 -0.35 -21.49 25.76
CA ALA D 169 -0.42 -20.07 26.08
C ALA D 169 -0.34 -19.79 27.57
N ASP D 170 0.83 -19.30 27.99
CA ASP D 170 1.03 -18.78 29.34
C ASP D 170 0.26 -17.47 29.39
N LEU D 171 -1.00 -17.55 29.81
CA LEU D 171 -1.91 -16.42 29.70
C LEU D 171 -1.38 -15.12 30.30
N PHE D 172 -0.78 -15.19 31.49
CA PHE D 172 -0.38 -13.96 32.15
C PHE D 172 0.91 -13.34 31.62
N LEU D 173 1.94 -14.15 31.43
CA LEU D 173 3.26 -13.63 31.06
C LEU D 173 3.57 -13.66 29.54
N GLY D 174 3.14 -14.71 28.85
CA GLY D 174 3.56 -14.90 27.48
C GLY D 174 2.64 -14.27 26.45
N VAL D 175 1.35 -14.55 26.57
CA VAL D 175 0.34 -14.05 25.63
C VAL D 175 0.33 -12.53 25.37
N PRO D 176 0.61 -11.72 26.40
CA PRO D 176 0.62 -10.28 26.09
C PRO D 176 1.70 -9.90 25.06
N PHE D 177 2.80 -10.64 25.02
CA PHE D 177 3.81 -10.42 23.99
C PHE D 177 3.37 -11.02 22.66
N ASN D 178 2.82 -12.22 22.70
CA ASN D 178 2.37 -12.85 21.47
C ASN D 178 1.40 -11.96 20.71
N ILE D 179 0.44 -11.38 21.43
CA ILE D 179 -0.58 -10.54 20.83
C ILE D 179 0.05 -9.36 20.08
N ALA D 180 0.94 -8.64 20.76
CA ALA D 180 1.59 -7.48 20.15
C ALA D 180 2.56 -7.85 19.00
N SER D 181 3.24 -8.99 19.13
CA SER D 181 4.16 -9.46 18.10
C SER D 181 3.44 -9.67 16.78
N TYR D 182 2.37 -10.46 16.81
CA TYR D 182 1.57 -10.72 15.62
C TYR D 182 0.73 -9.52 15.14
N ALA D 183 0.24 -8.69 16.05
CA ALA D 183 -0.44 -7.48 15.63
C ALA D 183 0.56 -6.62 14.87
N LEU D 184 1.78 -6.52 15.41
CA LEU D 184 2.84 -5.77 14.73
C LEU D 184 3.13 -6.38 13.35
N LEU D 185 3.31 -7.69 13.30
CA LEU D 185 3.55 -8.39 12.03
C LEU D 185 2.45 -8.06 11.02
N THR D 186 1.21 -8.06 11.50
CA THR D 186 0.07 -7.79 10.63
C THR D 186 0.13 -6.39 10.00
N HIS D 187 0.53 -5.38 10.79
CA HIS D 187 0.77 -4.03 10.25
C HIS D 187 1.86 -3.98 9.18
N MET D 188 2.95 -4.70 9.41
CA MET D 188 4.03 -4.75 8.44
C MET D 188 3.61 -5.41 7.13
N MET D 189 3.05 -6.61 7.22
CA MET D 189 2.59 -7.31 6.04
C MET D 189 1.56 -6.48 5.30
N ALA D 190 0.73 -5.76 6.05
CA ALA D 190 -0.33 -4.98 5.44
C ALA D 190 0.25 -3.80 4.66
N ALA D 191 1.24 -3.15 5.25
CA ALA D 191 1.93 -2.05 4.60
C ALA D 191 2.67 -2.53 3.34
N GLN D 192 3.26 -3.71 3.43
CA GLN D 192 4.04 -4.24 2.31
C GLN D 192 3.17 -4.74 1.16
N ALA D 193 1.87 -4.89 1.42
CA ALA D 193 0.96 -5.47 0.43
C ALA D 193 -0.05 -4.48 -0.12
N GLY D 194 -0.02 -3.25 0.39
CA GLY D 194 -0.93 -2.22 -0.09
C GLY D 194 -2.31 -2.26 0.54
N LEU D 195 -2.42 -2.94 1.69
CA LEU D 195 -3.69 -3.08 2.39
C LEU D 195 -3.72 -2.31 3.69
N SER D 196 -4.93 -2.14 4.23
CA SER D 196 -5.12 -1.61 5.58
C SER D 196 -5.32 -2.77 6.53
N VAL D 197 -5.32 -2.48 7.82
CA VAL D 197 -5.39 -3.54 8.80
C VAL D 197 -6.82 -3.93 9.12
N GLY D 198 -7.07 -5.24 9.11
CA GLY D 198 -8.34 -5.80 9.53
C GLY D 198 -8.29 -6.35 10.95
N GLU D 199 -8.56 -7.63 11.11
CA GLU D 199 -8.64 -8.24 12.44
C GLU D 199 -7.41 -9.07 12.75
N PHE D 200 -6.95 -9.00 14.00
CA PHE D 200 -6.07 -10.05 14.49
C PHE D 200 -6.86 -11.04 15.33
N ILE D 201 -6.83 -12.32 14.93
CA ILE D 201 -7.52 -13.38 15.65
C ILE D 201 -6.53 -14.35 16.29
N TRP D 202 -6.63 -14.47 17.61
CA TRP D 202 -5.77 -15.33 18.39
C TRP D 202 -6.53 -16.59 18.81
N THR D 203 -6.04 -17.75 18.37
CA THR D 203 -6.66 -19.02 18.70
C THR D 203 -5.64 -19.87 19.42
N GLY D 204 -5.98 -20.29 20.62
CA GLY D 204 -5.05 -21.03 21.44
C GLY D 204 -5.41 -22.50 21.61
N GLY D 205 -4.37 -23.32 21.79
CA GLY D 205 -4.54 -24.69 22.23
C GLY D 205 -4.75 -24.71 23.73
N ASP D 206 -3.72 -25.13 24.46
CA ASP D 206 -3.80 -25.16 25.93
C ASP D 206 -3.63 -23.75 26.52
N CYS D 207 -4.73 -23.22 27.05
CA CYS D 207 -4.77 -21.86 27.56
C CYS D 207 -4.83 -21.91 29.08
N HIS D 208 -3.71 -21.57 29.72
CA HIS D 208 -3.52 -21.83 31.13
C HIS D 208 -2.97 -20.65 31.93
N ILE D 209 -3.46 -20.50 33.15
CA ILE D 209 -2.84 -19.60 34.11
C ILE D 209 -2.03 -20.43 35.12
N TYR D 210 -0.74 -20.15 35.22
CA TYR D 210 0.08 -20.81 36.23
C TYR D 210 -0.41 -20.45 37.62
N ASP D 211 -0.35 -21.42 38.53
CA ASP D 211 -0.76 -21.23 39.93
C ASP D 211 -0.13 -20.01 40.58
N ASN D 212 1.12 -19.70 40.21
CA ASN D 212 1.86 -18.61 40.85
C ASN D 212 1.65 -17.23 40.21
N HIS D 213 0.72 -17.14 39.27
CA HIS D 213 0.39 -15.86 38.66
C HIS D 213 -1.00 -15.44 39.08
N VAL D 214 -1.64 -16.22 39.92
CA VAL D 214 -3.02 -15.97 40.27
C VAL D 214 -3.22 -14.60 40.90
N GLU D 215 -2.26 -14.17 41.72
CA GLU D 215 -2.36 -12.88 42.42
C GLU D 215 -2.27 -11.72 41.45
N GLN D 216 -1.22 -11.73 40.63
CA GLN D 216 -1.06 -10.70 39.60
C GLN D 216 -2.27 -10.61 38.67
N VAL D 217 -2.87 -11.76 38.38
CA VAL D 217 -4.03 -11.80 37.50
C VAL D 217 -5.24 -11.12 38.13
N ARG D 218 -5.43 -11.31 39.43
CA ARG D 218 -6.56 -10.69 40.14
C ARG D 218 -6.31 -9.19 40.26
N LEU D 219 -5.05 -8.83 40.40
CA LEU D 219 -4.65 -7.43 40.39
C LEU D 219 -4.97 -6.79 39.05
N GLN D 220 -4.52 -7.40 37.98
CA GLN D 220 -4.76 -6.88 36.65
C GLN D 220 -6.26 -6.81 36.33
N LEU D 221 -7.01 -7.84 36.68
CA LEU D 221 -8.44 -7.84 36.39
C LEU D 221 -9.23 -6.75 37.13
N SER D 222 -8.60 -6.08 38.09
CA SER D 222 -9.29 -5.06 38.88
C SER D 222 -9.16 -3.69 38.22
N ARG D 223 -8.05 -3.48 37.53
CA ARG D 223 -7.79 -2.23 36.84
C ARG D 223 -8.76 -1.97 35.69
N GLU D 224 -9.00 -0.69 35.41
CA GLU D 224 -9.85 -0.28 34.31
C GLU D 224 -9.00 -0.11 33.06
N PRO D 225 -9.47 -0.68 31.94
CA PRO D 225 -8.70 -0.55 30.70
C PRO D 225 -8.70 0.88 30.17
N ARG D 226 -7.52 1.32 29.73
CA ARG D 226 -7.35 2.62 29.09
C ARG D 226 -7.37 2.46 27.56
N PRO D 227 -7.55 3.57 26.82
CA PRO D 227 -7.53 3.55 25.35
C PRO D 227 -6.25 2.92 24.78
N TYR D 228 -6.40 2.16 23.70
CA TYR D 228 -5.26 1.51 23.07
C TYR D 228 -4.35 2.52 22.40
N PRO D 229 -3.03 2.24 22.41
CA PRO D 229 -2.06 3.10 21.70
C PRO D 229 -2.25 2.90 20.21
N LYS D 230 -1.50 3.64 19.39
CA LYS D 230 -1.62 3.47 17.95
C LYS D 230 -0.25 3.23 17.32
N LEU D 231 -0.21 2.40 16.28
CA LEU D 231 1.05 1.92 15.70
C LEU D 231 1.34 2.65 14.39
N LEU D 232 2.53 3.22 14.27
CA LEU D 232 2.93 3.90 13.05
C LEU D 232 4.17 3.26 12.48
N LEU D 233 4.22 3.17 11.16
CA LEU D 233 5.40 2.64 10.50
C LEU D 233 5.97 3.67 9.53
N ALA D 234 7.28 3.66 9.36
CA ALA D 234 7.93 4.53 8.39
C ALA D 234 7.80 3.85 7.03
N ASP D 235 7.75 4.61 5.94
CA ASP D 235 7.70 3.99 4.61
C ASP D 235 8.93 3.14 4.39
N ARG D 236 8.71 1.89 3.99
CA ARG D 236 9.77 1.02 3.47
C ARG D 236 9.25 0.24 2.26
N ASP D 237 10.18 -0.12 1.38
CA ASP D 237 9.82 -0.78 0.12
C ASP D 237 9.80 -2.30 0.33
N SER D 238 10.26 -2.73 1.50
CA SER D 238 10.32 -4.15 1.79
C SER D 238 10.25 -4.49 3.28
N ILE D 239 9.45 -5.50 3.63
CA ILE D 239 9.34 -5.93 5.03
C ILE D 239 10.70 -6.20 5.67
N PHE D 240 11.69 -6.56 4.86
CA PHE D 240 12.99 -6.93 5.41
C PHE D 240 13.89 -5.71 5.69
N GLU D 241 13.43 -4.54 5.26
CA GLU D 241 14.13 -3.28 5.54
C GLU D 241 13.52 -2.47 6.70
N TYR D 242 12.49 -3.01 7.36
CA TYR D 242 12.03 -2.40 8.62
C TYR D 242 13.11 -2.48 9.70
N THR D 243 13.33 -1.37 10.38
CA THR D 243 14.21 -1.33 11.55
C THR D 243 13.39 -0.94 12.76
N TYR D 244 13.98 -1.11 13.95
CA TYR D 244 13.32 -0.74 15.18
C TYR D 244 12.86 0.72 15.16
N GLU D 245 13.65 1.58 14.52
CA GLU D 245 13.37 3.01 14.50
C GLU D 245 12.24 3.36 13.53
N ASP D 246 11.85 2.42 12.69
CA ASP D 246 10.73 2.62 11.77
C ASP D 246 9.42 2.50 12.50
N ILE D 247 9.48 2.00 13.75
CA ILE D 247 8.28 1.70 14.52
C ILE D 247 8.03 2.70 15.62
N VAL D 248 6.79 3.13 15.75
CA VAL D 248 6.42 4.04 16.82
C VAL D 248 5.11 3.60 17.43
N VAL D 249 5.09 3.43 18.74
CA VAL D 249 3.84 3.26 19.47
C VAL D 249 3.50 4.59 20.12
N LYS D 250 2.32 5.12 19.80
CA LYS D 250 1.95 6.49 20.18
C LYS D 250 0.85 6.47 21.21
N ASN D 251 0.96 7.34 22.21
CA ASN D 251 -0.09 7.43 23.25
C ASN D 251 -0.32 6.15 24.06
N TYR D 252 0.76 5.46 24.38
CA TYR D 252 0.69 4.30 25.23
C TYR D 252 0.71 4.75 26.68
N ASP D 253 -0.44 4.68 27.33
CA ASP D 253 -0.58 5.08 28.73
C ASP D 253 -1.04 3.92 29.63
N PRO D 254 -0.16 2.93 29.87
CA PRO D 254 -0.57 1.74 30.62
C PRO D 254 -0.57 1.94 32.13
N HIS D 255 -1.44 1.22 32.83
CA HIS D 255 -1.28 1.03 34.27
C HIS D 255 0.13 0.55 34.53
N PRO D 256 0.55 0.59 35.80
CA PRO D 256 1.94 0.22 36.06
C PRO D 256 2.22 -1.25 35.73
N ALA D 257 3.47 -1.53 35.39
CA ALA D 257 3.96 -2.90 35.29
C ALA D 257 3.66 -3.70 36.58
N ILE D 258 3.40 -4.99 36.42
CA ILE D 258 3.19 -5.89 37.53
C ILE D 258 4.39 -6.82 37.65
N LYS D 259 5.21 -6.59 38.67
CA LYS D 259 6.43 -7.36 38.86
C LYS D 259 6.09 -8.67 39.58
N ALA D 260 6.98 -9.66 39.49
CA ALA D 260 6.80 -10.86 40.29
C ALA D 260 6.81 -10.48 41.77
N PRO D 261 5.95 -11.11 42.58
CA PRO D 261 5.88 -10.84 44.02
C PRO D 261 7.20 -11.14 44.74
N VAL D 262 7.62 -10.26 45.64
CA VAL D 262 8.81 -10.51 46.45
C VAL D 262 8.54 -11.62 47.47
N ALA D 263 9.38 -12.65 47.46
CA ALA D 263 9.30 -13.74 48.44
C ALA D 263 9.46 -13.17 49.85
N VAL D 264 8.59 -13.57 50.76
CA VAL D 264 8.48 -12.88 52.05
C VAL D 264 8.43 -13.81 53.28
#